data_3HIY
#
_entry.id   3HIY
#
_cell.length_a   63.093
_cell.length_b   103.024
_cell.length_c   63.041
_cell.angle_alpha   90.000
_cell.angle_beta   111.010
_cell.angle_gamma   90.000
#
_symmetry.space_group_name_H-M   'P 1 21 1'
#
loop_
_entity.id
_entity.type
_entity.pdbx_description
1 polymer 'Minor Editosome-Associated TUTase'
2 non-polymer "URIDINE 5'-TRIPHOSPHATE"
3 non-polymer 'MAGNESIUM ION'
4 water water
#
_entity_poly.entity_id   1
_entity_poly.type   'polypeptide(L)'
_entity_poly.pdbx_seq_one_letter_code
;(MSE)VAKREFIRG(MSE)(MSE)AHYRASLPPPEHSVVIHELQKRVLDIG(MSE)LAVNKAHVELFGSHVSGFCTPHSD
ADISLTYRNFSPWLQG(MSE)ERVDEQNNKR(MSE)TRFGKEASA(MSE)G(MSE)EDVRYIRARIPVVQFTDGVTGIHC
DVSIGNIGGVENSKILCAIRQVFPDFYGAYIHLVKAWGKAREVIAPERSTFNSFTVTT(MSE)AL(MSE)VLQELGLLPV
FSKPTGEFGELTVADAE(MSE)LLQEFKLPPIYDSLHDDDEKLGEAVFFCLQRFAEYYAKYDFSAGTVSLIHPRRHRTVY
ERVVRRHLELLGSRKRLEWEKHIAEHKEDGPLDENDFSAS(MSE)QNETTQRPSNSPYVVEDFVNYVNCGRRVQASRVRH
IQQEFNRLRE(MSE)LIDKESELKFDEVFRESDTVP
;
_entity_poly.pdbx_strand_id   A,B
#
loop_
_chem_comp.id
_chem_comp.type
_chem_comp.name
_chem_comp.formula
MG non-polymer 'MAGNESIUM ION' 'Mg 2'
UTP non-polymer 'URIDINE 5'-TRIPHOSPHATE' 'C9 H15 N2 O15 P3'
#
# COMPACT_ATOMS: atom_id res chain seq x y z
N VAL A 2 -14.32 16.01 4.44
CA VAL A 2 -12.99 15.94 3.78
C VAL A 2 -11.94 15.21 4.62
N ALA A 3 -11.93 15.47 5.93
CA ALA A 3 -10.98 14.83 6.84
C ALA A 3 -11.30 13.35 6.91
N LYS A 4 -12.58 13.04 7.13
CA LYS A 4 -13.03 11.65 7.19
C LYS A 4 -12.67 10.91 5.90
N ARG A 5 -12.95 11.53 4.76
CA ARG A 5 -12.68 10.92 3.47
C ARG A 5 -11.18 10.67 3.24
N GLU A 6 -10.32 11.47 3.84
CA GLU A 6 -8.87 11.26 3.69
C GLU A 6 -8.35 10.21 4.65
N PHE A 7 -8.94 10.20 5.86
CA PHE A 7 -8.61 9.23 6.87
C PHE A 7 -8.89 7.83 6.34
N ILE A 8 -10.13 7.61 5.89
CA ILE A 8 -10.55 6.36 5.29
C ILE A 8 -9.67 5.96 4.11
N ARG A 9 -9.27 6.94 3.29
CA ARG A 9 -8.40 6.72 2.14
C ARG A 9 -7.05 6.16 2.59
N GLY A 10 -6.38 6.90 3.48
CA GLY A 10 -5.11 6.49 4.08
C GLY A 10 -5.19 5.14 4.79
N MSE A 11 -6.24 4.94 5.60
CA MSE A 11 -6.35 3.71 6.38
C MSE A 11 -6.44 2.49 5.49
O MSE A 11 -5.81 1.48 5.78
CB MSE A 11 -7.47 3.78 7.42
CG MSE A 11 -8.87 3.45 6.94
SE MSE A 11 -10.29 3.65 8.33
CE MSE A 11 -11.55 2.44 7.51
N MSE A 12 -7.21 2.59 4.39
CA MSE A 12 -7.30 1.50 3.43
C MSE A 12 -5.93 1.39 2.73
O MSE A 12 -5.36 0.30 2.62
CB MSE A 12 -8.43 1.70 2.41
CG MSE A 12 -9.86 1.57 2.94
SE MSE A 12 -10.36 -0.10 3.95
CE MSE A 12 -9.49 0.34 5.61
N ALA A 13 -5.39 2.52 2.30
CA ALA A 13 -4.08 2.53 1.68
C ALA A 13 -3.12 1.65 2.49
N HIS A 14 -3.09 1.89 3.81
CA HIS A 14 -2.16 1.25 4.74
C HIS A 14 -2.45 -0.24 4.86
N TYR A 15 -3.73 -0.57 4.94
CA TYR A 15 -4.12 -1.95 4.91
C TYR A 15 -3.61 -2.57 3.60
N ARG A 16 -3.87 -1.92 2.47
CA ARG A 16 -3.45 -2.45 1.16
C ARG A 16 -1.93 -2.65 1.05
N ALA A 17 -1.16 -1.91 1.85
CA ALA A 17 0.31 -1.93 1.81
C ALA A 17 0.90 -2.94 2.77
N SER A 18 0.02 -3.64 3.48
CA SER A 18 0.43 -4.53 4.53
C SER A 18 0.04 -5.95 4.17
N LEU A 19 -0.69 -6.10 3.06
CA LEU A 19 -1.07 -7.42 2.59
C LEU A 19 0.18 -8.17 2.10
N PRO A 20 0.34 -9.44 2.52
CA PRO A 20 1.45 -10.23 2.04
C PRO A 20 1.59 -10.17 0.53
N PRO A 21 2.83 -9.97 0.04
CA PRO A 21 3.07 -9.92 -1.40
C PRO A 21 2.71 -11.26 -2.04
N PRO A 22 2.51 -11.29 -3.36
CA PRO A 22 2.16 -12.56 -4.02
C PRO A 22 3.02 -13.79 -3.61
N GLU A 23 4.33 -13.62 -3.51
CA GLU A 23 5.24 -14.74 -3.31
C GLU A 23 5.29 -15.24 -1.85
N HIS A 24 4.62 -14.50 -0.96
CA HIS A 24 4.73 -14.69 0.48
C HIS A 24 4.23 -16.05 0.96
N SER A 25 3.22 -16.58 0.30
CA SER A 25 2.77 -17.94 0.52
C SER A 25 3.93 -18.91 0.40
N VAL A 26 4.69 -18.80 -0.68
CA VAL A 26 5.85 -19.64 -0.92
C VAL A 26 6.93 -19.40 0.12
N VAL A 27 7.20 -18.15 0.46
CA VAL A 27 8.23 -17.84 1.46
C VAL A 27 7.95 -18.62 2.77
N ILE A 28 6.71 -18.56 3.23
CA ILE A 28 6.28 -19.09 4.51
C ILE A 28 6.34 -20.62 4.50
N HIS A 29 5.97 -21.19 3.37
CA HIS A 29 6.06 -22.63 3.13
C HIS A 29 7.49 -23.15 3.19
N GLU A 30 8.44 -22.37 2.68
CA GLU A 30 9.84 -22.76 2.69
C GLU A 30 10.34 -22.61 4.09
N LEU A 31 9.92 -21.53 4.74
CA LEU A 31 10.24 -21.35 6.14
C LEU A 31 9.82 -22.57 6.98
N GLN A 32 8.63 -23.09 6.73
CA GLN A 32 8.13 -24.27 7.44
C GLN A 32 9.02 -25.46 7.22
N LYS A 33 9.48 -25.60 5.99
CA LYS A 33 10.35 -26.69 5.57
C LYS A 33 11.67 -26.64 6.33
N ARG A 34 12.20 -25.44 6.53
CA ARG A 34 13.46 -25.23 7.27
C ARG A 34 13.29 -25.62 8.72
N VAL A 35 12.19 -25.19 9.32
CA VAL A 35 11.90 -25.50 10.71
C VAL A 35 11.71 -27.00 10.95
N LEU A 36 11.10 -27.67 9.98
CA LEU A 36 10.90 -29.09 10.04
C LEU A 36 12.25 -29.80 9.94
N ASP A 37 13.17 -29.25 9.13
CA ASP A 37 14.55 -29.82 9.01
C ASP A 37 15.30 -29.81 10.33
N ILE A 38 15.25 -28.67 11.01
CA ILE A 38 15.76 -28.52 12.36
C ILE A 38 15.05 -29.49 13.29
N GLY A 39 13.72 -29.57 13.18
CA GLY A 39 12.92 -30.39 14.08
C GLY A 39 13.28 -31.86 13.96
N MSE A 40 13.32 -32.35 12.73
CA MSE A 40 13.79 -33.70 12.41
C MSE A 40 15.14 -34.12 13.01
O MSE A 40 15.34 -35.28 13.40
CB MSE A 40 13.89 -33.84 10.90
CG MSE A 40 12.54 -34.08 10.23
SE MSE A 40 12.82 -34.30 8.33
CE MSE A 40 14.72 -34.74 8.27
N LEU A 41 16.08 -33.19 13.08
CA LEU A 41 17.32 -33.48 13.79
C LEU A 41 17.11 -33.65 15.30
N ALA A 42 16.04 -33.05 15.82
CA ALA A 42 15.85 -32.99 17.27
C ALA A 42 14.94 -34.09 17.84
N VAL A 43 13.86 -34.41 17.15
CA VAL A 43 12.82 -35.21 17.80
C VAL A 43 12.44 -36.31 16.84
N ASN A 44 11.81 -37.35 17.36
CA ASN A 44 11.43 -38.45 16.48
C ASN A 44 10.09 -38.07 15.88
N LYS A 45 9.88 -38.36 14.59
CA LYS A 45 8.63 -38.01 13.90
C LYS A 45 8.25 -36.55 14.09
N ALA A 46 9.22 -35.66 13.87
CA ALA A 46 8.94 -34.24 13.92
C ALA A 46 7.76 -33.84 13.06
N HIS A 47 6.93 -32.98 13.60
CA HIS A 47 5.87 -32.40 12.83
C HIS A 47 5.80 -30.94 13.22
N VAL A 48 5.65 -30.12 12.20
CA VAL A 48 5.67 -28.68 12.34
C VAL A 48 4.39 -28.08 11.78
N GLU A 49 3.71 -27.30 12.59
CA GLU A 49 2.48 -26.75 12.13
C GLU A 49 2.43 -25.28 12.46
N LEU A 50 2.11 -24.50 11.44
CA LEU A 50 2.00 -23.06 11.52
C LEU A 50 0.71 -22.72 12.24
N PHE A 51 0.77 -21.65 13.04
CA PHE A 51 -0.43 -20.98 13.50
C PHE A 51 -0.22 -19.47 13.54
N GLY A 52 -1.07 -18.75 14.27
CA GLY A 52 -0.94 -17.28 14.37
C GLY A 52 -1.43 -16.60 13.11
N SER A 53 -1.05 -15.33 12.94
CA SER A 53 -1.69 -14.51 11.87
C SER A 53 -1.43 -15.03 10.46
N HIS A 54 -0.26 -15.64 10.23
CA HIS A 54 0.05 -16.26 8.93
C HIS A 54 -0.94 -17.35 8.61
N VAL A 55 -1.64 -17.88 9.63
CA VAL A 55 -2.69 -18.85 9.34
C VAL A 55 -4.06 -18.16 9.19
N SER A 56 -4.39 -17.31 10.15
CA SER A 56 -5.62 -16.53 10.11
C SER A 56 -5.66 -15.57 8.92
N GLY A 57 -4.49 -15.10 8.49
CA GLY A 57 -4.42 -14.12 7.40
C GLY A 57 -4.49 -12.67 7.87
N PHE A 58 -4.69 -12.48 9.19
CA PHE A 58 -4.62 -11.13 9.78
C PHE A 58 -3.17 -10.75 10.04
N CYS A 59 -2.33 -10.85 9.00
CA CYS A 59 -0.89 -10.56 9.13
C CYS A 59 -0.40 -9.39 8.31
N THR A 60 0.69 -8.79 8.79
CA THR A 60 1.48 -7.81 8.04
C THR A 60 2.77 -8.50 7.57
N PRO A 61 3.53 -7.86 6.68
CA PRO A 61 4.73 -8.60 6.27
C PRO A 61 5.79 -8.61 7.39
N HIS A 62 5.48 -7.90 8.48
CA HIS A 62 6.34 -7.87 9.68
C HIS A 62 5.89 -8.81 10.82
N SER A 63 4.74 -9.46 10.63
CA SER A 63 4.21 -10.43 11.59
C SER A 63 5.13 -11.64 11.68
N ASP A 64 5.26 -12.15 12.91
CA ASP A 64 6.08 -13.33 13.19
C ASP A 64 5.45 -14.62 12.70
N ALA A 65 6.20 -15.71 12.85
CA ALA A 65 5.69 -16.99 12.47
C ALA A 65 5.59 -17.89 13.69
N ASP A 66 4.36 -18.30 14.01
CA ASP A 66 4.08 -19.20 15.12
C ASP A 66 4.01 -20.64 14.68
N ILE A 67 4.84 -21.47 15.30
CA ILE A 67 4.98 -22.85 14.89
C ILE A 67 4.82 -23.79 16.07
N SER A 68 3.92 -24.75 15.93
CA SER A 68 3.69 -25.77 16.93
C SER A 68 4.48 -26.98 16.52
N LEU A 69 5.40 -27.41 17.40
CA LEU A 69 6.19 -28.64 17.14
C LEU A 69 5.64 -29.82 17.92
N THR A 70 5.39 -30.92 17.21
CA THR A 70 5.01 -32.18 17.87
C THR A 70 5.90 -33.32 17.35
N TYR A 71 5.84 -34.47 18.00
CA TYR A 71 6.80 -35.56 17.82
C TYR A 71 6.11 -36.90 18.09
N ARG A 72 6.86 -38.00 17.98
CA ARG A 72 6.30 -39.33 18.17
C ARG A 72 5.84 -39.46 19.63
N ASN A 73 4.60 -39.92 19.80
CA ASN A 73 3.93 -40.07 21.09
C ASN A 73 3.79 -38.82 21.90
N PHE A 74 3.74 -37.68 21.20
CA PHE A 74 3.39 -36.46 21.84
C PHE A 74 1.97 -36.59 22.35
N SER A 75 1.76 -36.09 23.55
CA SER A 75 0.43 -36.02 24.11
C SER A 75 0.30 -34.72 24.88
N PRO A 76 -0.75 -33.93 24.56
CA PRO A 76 -1.07 -32.67 25.27
C PRO A 76 -1.38 -32.86 26.76
N TRP A 77 -1.84 -34.05 27.13
CA TRP A 77 -2.26 -34.32 28.50
C TRP A 77 -1.14 -34.64 29.47
N LEU A 78 0.05 -34.95 28.94
CA LEU A 78 1.16 -35.33 29.79
C LEU A 78 1.93 -34.13 30.29
N GLN A 79 1.56 -32.94 29.83
CA GLN A 79 2.15 -31.72 30.34
C GLN A 79 1.82 -31.62 31.83
N GLY A 80 2.81 -31.23 32.62
CA GLY A 80 2.69 -31.24 34.07
C GLY A 80 3.45 -32.39 34.71
N MSE A 81 3.47 -33.53 34.04
CA MSE A 81 4.21 -34.67 34.52
C MSE A 81 5.69 -34.36 34.42
O MSE A 81 6.16 -33.98 33.34
CB MSE A 81 3.89 -35.86 33.66
CG MSE A 81 4.67 -37.08 33.98
SE MSE A 81 3.48 -38.57 33.95
CE MSE A 81 2.52 -38.20 32.34
N GLU A 82 6.43 -34.52 35.52
CA GLU A 82 7.80 -34.00 35.59
C GLU A 82 8.72 -34.68 34.58
N ARG A 83 8.61 -36.00 34.48
CA ARG A 83 9.45 -36.77 33.58
C ARG A 83 9.20 -36.44 32.11
N VAL A 84 7.97 -36.07 31.78
CA VAL A 84 7.65 -35.76 30.39
C VAL A 84 8.03 -34.31 30.10
N ASP A 85 7.80 -33.47 31.08
CA ASP A 85 8.26 -32.11 31.04
C ASP A 85 9.77 -32.01 30.75
N GLU A 86 10.55 -32.84 31.43
CA GLU A 86 12.01 -32.82 31.34
C GLU A 86 12.47 -33.37 29.97
N GLN A 87 11.83 -34.44 29.54
CA GLN A 87 11.93 -34.97 28.19
C GLN A 87 11.69 -33.90 27.10
N ASN A 88 10.63 -33.09 27.28
CA ASN A 88 10.34 -31.99 26.37
C ASN A 88 11.37 -30.90 26.42
N ASN A 89 11.91 -30.64 27.60
CA ASN A 89 12.97 -29.68 27.75
C ASN A 89 14.22 -30.12 26.96
N LYS A 90 14.50 -31.41 27.02
CA LYS A 90 15.57 -32.03 26.28
C LYS A 90 15.29 -31.97 24.75
N ARG A 91 14.02 -32.10 24.34
CA ARG A 91 13.67 -31.94 22.93
C ARG A 91 13.93 -30.51 22.43
N MSE A 92 13.56 -29.54 23.24
CA MSE A 92 13.68 -28.13 22.90
C MSE A 92 15.12 -27.65 22.95
O MSE A 92 15.55 -26.79 22.19
CB MSE A 92 12.77 -27.33 23.84
CG MSE A 92 11.30 -27.53 23.55
SE MSE A 92 10.76 -26.82 21.79
CE MSE A 92 11.07 -28.35 20.68
N THR A 93 15.89 -28.25 23.84
CA THR A 93 17.30 -28.04 23.91
C THR A 93 17.96 -28.43 22.60
N ARG A 94 17.69 -29.65 22.14
CA ARG A 94 18.26 -30.06 20.88
C ARG A 94 17.73 -29.20 19.73
N PHE A 95 16.45 -28.84 19.77
CA PHE A 95 15.87 -28.02 18.71
C PHE A 95 16.68 -26.72 18.57
N GLY A 96 16.87 -26.08 19.70
CA GLY A 96 17.70 -24.93 19.81
C GLY A 96 19.06 -25.12 19.20
N LYS A 97 19.71 -26.23 19.52
CA LYS A 97 21.08 -26.45 19.09
C LYS A 97 21.14 -26.78 17.59
N GLU A 98 20.14 -27.49 17.09
CA GLU A 98 20.13 -27.83 15.69
C GLU A 98 19.73 -26.61 14.86
N ALA A 99 18.99 -25.68 15.48
CA ALA A 99 18.53 -24.41 14.83
C ALA A 99 19.68 -23.46 14.60
N SER A 100 20.51 -23.30 15.63
CA SER A 100 21.79 -22.57 15.49
C SER A 100 22.67 -23.22 14.42
N ALA A 101 22.75 -24.55 14.41
CA ALA A 101 23.62 -25.24 13.46
C ALA A 101 23.13 -25.04 12.03
N MSE A 102 21.81 -25.11 11.81
CA MSE A 102 21.23 -24.85 10.49
C MSE A 102 21.43 -23.40 10.03
O MSE A 102 21.38 -23.11 8.84
CB MSE A 102 19.73 -25.15 10.50
CG MSE A 102 19.37 -26.60 10.73
SE MSE A 102 20.21 -27.79 9.45
CE MSE A 102 18.73 -29.03 9.48
N GLY A 103 21.65 -22.49 10.96
CA GLY A 103 21.97 -21.13 10.59
C GLY A 103 20.87 -20.16 10.96
N MSE A 104 20.02 -20.55 11.91
CA MSE A 104 19.03 -19.66 12.44
C MSE A 104 19.78 -18.72 13.35
O MSE A 104 20.76 -19.09 13.98
CB MSE A 104 17.92 -20.40 13.22
CG MSE A 104 17.08 -21.41 12.41
SE MSE A 104 16.38 -20.69 10.73
CE MSE A 104 17.85 -21.35 9.63
N GLU A 105 19.31 -17.49 13.41
CA GLU A 105 19.93 -16.44 14.17
C GLU A 105 19.13 -16.20 15.45
N ASP A 106 19.80 -15.62 16.45
CA ASP A 106 19.18 -15.18 17.70
C ASP A 106 18.37 -16.30 18.34
N VAL A 107 18.87 -17.53 18.23
CA VAL A 107 18.16 -18.68 18.77
C VAL A 107 18.15 -18.58 20.28
N ARG A 108 16.95 -18.69 20.85
CA ARG A 108 16.76 -18.53 22.28
C ARG A 108 15.78 -19.59 22.77
N TYR A 109 16.24 -20.39 23.71
CA TYR A 109 15.39 -21.39 24.33
C TYR A 109 14.88 -20.84 25.66
N ILE A 110 13.58 -20.57 25.72
CA ILE A 110 12.96 -20.01 26.91
C ILE A 110 12.19 -21.06 27.71
N ARG A 111 12.55 -21.17 28.99
CA ARG A 111 11.90 -22.07 29.95
C ARG A 111 10.72 -21.36 30.64
N ALA A 112 9.49 -21.66 30.24
CA ALA A 112 8.36 -20.85 30.68
C ALA A 112 7.05 -21.62 30.88
N ARG A 113 5.96 -20.87 31.04
CA ARG A 113 4.56 -21.36 31.05
C ARG A 113 4.21 -22.02 29.71
N ILE A 114 5.27 -22.32 28.97
CA ILE A 114 5.25 -22.78 27.59
C ILE A 114 6.74 -22.85 27.21
N PRO A 115 7.37 -24.02 27.36
CA PRO A 115 8.75 -24.12 26.87
C PRO A 115 8.83 -23.80 25.37
N VAL A 116 9.53 -22.73 25.01
CA VAL A 116 9.46 -22.15 23.68
C VAL A 116 10.87 -21.89 23.11
N VAL A 117 11.04 -22.00 21.80
CA VAL A 117 12.31 -21.60 21.18
C VAL A 117 12.04 -20.51 20.19
N GLN A 118 12.73 -19.40 20.32
CA GLN A 118 12.55 -18.32 19.40
C GLN A 118 13.81 -18.12 18.58
N PHE A 119 13.63 -17.85 17.29
CA PHE A 119 14.74 -17.48 16.48
C PHE A 119 14.29 -16.58 15.35
N THR A 120 15.27 -15.88 14.76
CA THR A 120 15.09 -15.13 13.52
C THR A 120 15.57 -16.03 12.39
N ASP A 121 14.67 -16.34 11.43
CA ASP A 121 15.00 -17.19 10.29
C ASP A 121 16.20 -16.63 9.56
N GLY A 122 17.19 -17.48 9.32
CA GLY A 122 18.44 -17.05 8.69
C GLY A 122 18.31 -16.69 7.23
N VAL A 123 17.13 -16.91 6.66
CA VAL A 123 16.93 -16.65 5.25
C VAL A 123 16.16 -15.39 5.02
N THR A 124 15.03 -15.25 5.70
CA THR A 124 14.04 -14.23 5.38
C THR A 124 13.93 -13.17 6.46
N GLY A 125 14.54 -13.42 7.60
CA GLY A 125 14.50 -12.48 8.71
C GLY A 125 13.24 -12.52 9.57
N ILE A 126 12.23 -13.25 9.11
CA ILE A 126 10.99 -13.47 9.88
C ILE A 126 11.26 -14.00 11.31
N HIS A 127 10.57 -13.46 12.30
CA HIS A 127 10.76 -13.96 13.68
C HIS A 127 9.96 -15.24 13.90
N CYS A 128 10.56 -16.23 14.57
CA CYS A 128 9.89 -17.52 14.79
C CYS A 128 9.74 -17.91 16.24
N ASP A 129 8.55 -18.37 16.61
CA ASP A 129 8.22 -18.76 17.97
C ASP A 129 7.82 -20.20 17.84
N VAL A 130 8.64 -21.09 18.39
CA VAL A 130 8.39 -22.51 18.27
C VAL A 130 8.08 -23.08 19.67
N SER A 131 6.97 -23.80 19.75
CA SER A 131 6.54 -24.37 21.03
C SER A 131 6.10 -25.78 20.78
N ILE A 132 6.15 -26.58 21.83
CA ILE A 132 5.68 -27.96 21.71
C ILE A 132 4.17 -28.03 21.89
N GLY A 133 3.49 -28.54 20.88
CA GLY A 133 2.09 -28.93 21.03
C GLY A 133 1.16 -27.78 21.39
N ASN A 134 1.30 -26.68 20.68
CA ASN A 134 0.39 -25.61 20.88
C ASN A 134 -0.96 -25.86 20.22
N ILE A 135 -1.67 -26.89 20.68
CA ILE A 135 -2.91 -27.38 20.03
C ILE A 135 -3.97 -26.31 19.96
N GLY A 136 -4.15 -25.58 21.06
CA GLY A 136 -5.07 -24.46 21.11
C GLY A 136 -4.73 -23.40 20.09
N GLY A 137 -3.46 -23.12 19.88
CA GLY A 137 -3.10 -22.10 18.88
C GLY A 137 -3.40 -22.61 17.48
N VAL A 138 -3.12 -23.88 17.24
CA VAL A 138 -3.40 -24.41 15.94
C VAL A 138 -4.90 -24.28 15.64
N GLU A 139 -5.75 -24.71 16.57
CA GLU A 139 -7.17 -24.70 16.30
C GLU A 139 -7.77 -23.30 16.20
N ASN A 140 -7.47 -22.40 17.13
CA ASN A 140 -8.16 -21.14 17.10
C ASN A 140 -7.67 -20.24 15.97
N SER A 141 -6.51 -20.58 15.38
CA SER A 141 -6.00 -19.90 14.19
C SER A 141 -6.74 -20.39 12.94
N LYS A 142 -7.16 -21.65 12.97
CA LYS A 142 -7.97 -22.15 11.87
C LYS A 142 -9.36 -21.54 11.92
N ILE A 143 -9.92 -21.35 13.11
CA ILE A 143 -11.20 -20.66 13.29
C ILE A 143 -11.13 -19.20 12.81
N LEU A 144 -10.04 -18.50 13.16
CA LEU A 144 -9.87 -17.13 12.72
C LEU A 144 -9.69 -16.98 11.21
N CYS A 145 -9.00 -17.96 10.61
CA CYS A 145 -8.82 -17.95 9.20
C CYS A 145 -10.23 -18.08 8.63
N ALA A 146 -11.01 -19.08 9.10
CA ALA A 146 -12.36 -19.27 8.59
C ALA A 146 -13.20 -17.97 8.67
N ILE A 147 -13.02 -17.21 9.75
CA ILE A 147 -13.78 -15.99 9.91
C ILE A 147 -13.37 -14.98 8.83
N ARG A 148 -12.07 -14.80 8.68
CA ARG A 148 -11.54 -13.88 7.69
C ARG A 148 -12.03 -14.17 6.28
N GLN A 149 -12.18 -15.45 5.93
CA GLN A 149 -12.62 -15.84 4.60
C GLN A 149 -14.01 -15.37 4.23
N VAL A 150 -14.90 -15.19 5.20
CA VAL A 150 -16.23 -14.61 4.87
C VAL A 150 -16.18 -13.36 3.94
N PHE A 151 -15.21 -12.46 4.15
CA PHE A 151 -15.03 -11.25 3.29
C PHE A 151 -13.67 -10.69 3.67
N PRO A 152 -12.57 -11.26 3.13
CA PRO A 152 -11.25 -10.97 3.67
C PRO A 152 -10.95 -9.47 3.84
N ASP A 153 -11.26 -8.64 2.85
CA ASP A 153 -10.88 -7.25 2.94
C ASP A 153 -11.66 -6.51 4.01
N PHE A 154 -12.87 -6.96 4.30
CA PHE A 154 -13.66 -6.31 5.34
C PHE A 154 -13.11 -6.65 6.73
N TYR A 155 -13.05 -7.95 7.03
CA TYR A 155 -12.53 -8.41 8.31
C TYR A 155 -11.06 -8.11 8.43
N GLY A 156 -10.32 -8.38 7.36
CA GLY A 156 -8.90 -8.10 7.32
C GLY A 156 -8.59 -6.66 7.59
N ALA A 157 -9.29 -5.75 6.91
CA ALA A 157 -9.03 -4.32 7.06
C ALA A 157 -9.35 -3.91 8.48
N TYR A 158 -10.55 -4.26 8.92
CA TYR A 158 -11.00 -4.01 10.26
C TYR A 158 -10.00 -4.52 11.30
N ILE A 159 -9.72 -5.83 11.27
CA ILE A 159 -8.73 -6.42 12.16
C ILE A 159 -7.35 -5.81 12.00
N HIS A 160 -6.91 -5.61 10.75
CA HIS A 160 -5.64 -4.89 10.54
C HIS A 160 -5.57 -3.55 11.28
N LEU A 161 -6.59 -2.72 11.11
CA LEU A 161 -6.56 -1.37 11.69
C LEU A 161 -6.68 -1.37 13.18
N VAL A 162 -7.43 -2.32 13.71
CA VAL A 162 -7.57 -2.51 15.13
C VAL A 162 -6.22 -2.93 15.67
N LYS A 163 -5.55 -3.82 14.94
CA LYS A 163 -4.24 -4.30 15.34
C LYS A 163 -3.18 -3.18 15.20
N ALA A 164 -3.07 -2.59 14.01
CA ALA A 164 -2.21 -1.39 13.81
C ALA A 164 -2.49 -0.36 14.89
N TRP A 165 -3.77 -0.03 15.09
CA TRP A 165 -4.10 0.87 16.17
C TRP A 165 -3.50 0.36 17.47
N GLY A 166 -3.89 -0.84 17.89
CA GLY A 166 -3.49 -1.42 19.16
C GLY A 166 -2.00 -1.53 19.33
N LYS A 167 -1.31 -2.04 18.30
CA LYS A 167 0.15 -2.16 18.35
C LYS A 167 0.77 -0.79 18.51
N ALA A 168 0.58 0.06 17.49
CA ALA A 168 1.03 1.45 17.53
C ALA A 168 0.66 2.17 18.83
N ARG A 169 -0.50 1.86 19.41
CA ARG A 169 -0.97 2.54 20.64
C ARG A 169 -0.63 1.80 21.93
N GLU A 170 0.14 0.72 21.83
CA GLU A 170 0.51 -0.11 23.01
C GLU A 170 -0.71 -0.74 23.69
N VAL A 171 -1.79 -0.96 22.93
CA VAL A 171 -2.94 -1.70 23.46
C VAL A 171 -2.61 -3.17 23.37
N ILE A 172 -2.05 -3.54 22.23
CA ILE A 172 -1.45 -4.85 22.02
C ILE A 172 0.02 -4.67 22.27
N ALA A 173 0.44 -4.90 23.51
CA ALA A 173 1.86 -4.94 23.87
C ALA A 173 2.08 -6.06 24.88
N PRO A 174 2.17 -7.32 24.42
CA PRO A 174 2.34 -8.45 25.35
C PRO A 174 3.56 -8.24 26.29
N GLU A 175 4.79 -8.21 25.75
CA GLU A 175 6.00 -7.98 26.60
C GLU A 175 5.97 -6.64 27.36
N ARG A 176 4.84 -5.94 27.32
CA ARG A 176 4.72 -4.68 28.05
C ARG A 176 3.48 -4.63 28.94
N SER A 177 2.96 -5.80 29.32
CA SER A 177 1.88 -5.91 30.35
C SER A 177 0.40 -5.67 29.91
N THR A 178 0.16 -5.47 28.61
CA THR A 178 -1.21 -5.24 28.11
C THR A 178 -1.72 -6.48 27.36
N PHE A 179 -2.46 -6.29 26.26
CA PHE A 179 -3.11 -7.39 25.58
C PHE A 179 -2.14 -7.93 24.59
N ASN A 180 -2.46 -9.08 24.02
CA ASN A 180 -1.79 -9.56 22.85
C ASN A 180 -2.73 -9.49 21.65
N SER A 181 -2.16 -9.63 20.47
CA SER A 181 -2.88 -9.57 19.23
C SER A 181 -4.12 -10.41 19.26
N PHE A 182 -4.00 -11.60 19.86
CA PHE A 182 -5.08 -12.53 19.74
C PHE A 182 -6.23 -12.11 20.63
N THR A 183 -5.94 -11.61 21.82
CA THR A 183 -7.00 -11.08 22.71
C THR A 183 -7.75 -9.94 22.01
N VAL A 184 -6.99 -9.09 21.31
CA VAL A 184 -7.57 -7.88 20.76
C VAL A 184 -8.39 -8.24 19.55
N THR A 185 -7.86 -9.17 18.78
CA THR A 185 -8.60 -9.70 17.67
C THR A 185 -9.95 -10.20 18.18
N THR A 186 -9.95 -10.91 19.31
CA THR A 186 -11.19 -11.57 19.78
C THR A 186 -12.20 -10.53 20.19
N MSE A 187 -11.70 -9.50 20.88
CA MSE A 187 -12.54 -8.38 21.26
C MSE A 187 -13.21 -7.71 20.09
O MSE A 187 -14.42 -7.42 20.13
CB MSE A 187 -11.73 -7.37 22.02
CG MSE A 187 -11.23 -7.98 23.29
SE MSE A 187 -9.95 -6.87 24.15
CE MSE A 187 -11.01 -5.25 24.50
N ALA A 188 -12.43 -7.44 19.05
CA ALA A 188 -12.90 -6.74 17.87
C ALA A 188 -13.94 -7.59 17.13
N LEU A 189 -13.70 -8.88 17.14
CA LEU A 189 -14.62 -9.81 16.51
C LEU A 189 -15.92 -9.90 17.29
N MSE A 190 -15.86 -9.79 18.60
CA MSE A 190 -17.09 -9.79 19.38
C MSE A 190 -17.96 -8.60 19.05
O MSE A 190 -19.19 -8.72 19.04
CB MSE A 190 -16.86 -9.85 20.88
CG MSE A 190 -18.17 -10.25 21.61
SE MSE A 190 -18.25 -10.07 23.54
CE MSE A 190 -17.87 -8.23 23.68
N VAL A 191 -17.34 -7.44 18.79
CA VAL A 191 -18.14 -6.24 18.51
C VAL A 191 -18.92 -6.45 17.20
N LEU A 192 -18.30 -7.17 16.28
CA LEU A 192 -18.95 -7.50 15.03
C LEU A 192 -20.14 -8.47 15.23
N GLN A 193 -20.00 -9.39 16.19
CA GLN A 193 -21.12 -10.26 16.55
C GLN A 193 -22.32 -9.46 17.03
N GLU A 194 -22.07 -8.49 17.90
CA GLU A 194 -23.14 -7.68 18.49
C GLU A 194 -23.75 -6.75 17.45
N LEU A 195 -23.00 -6.49 16.39
CA LEU A 195 -23.55 -5.69 15.30
C LEU A 195 -24.27 -6.59 14.29
N GLY A 196 -24.19 -7.91 14.46
CA GLY A 196 -24.80 -8.83 13.49
C GLY A 196 -23.95 -9.01 12.24
N LEU A 197 -22.65 -8.74 12.36
CA LEU A 197 -21.70 -8.70 11.25
C LEU A 197 -20.76 -9.88 11.35
N LEU A 198 -21.04 -10.74 12.33
CA LEU A 198 -20.35 -12.01 12.52
C LEU A 198 -21.31 -12.92 13.31
N PRO A 199 -21.25 -14.23 13.14
CA PRO A 199 -22.20 -15.01 13.95
C PRO A 199 -21.69 -15.29 15.33
N VAL A 200 -22.61 -15.53 16.25
CA VAL A 200 -22.32 -15.91 17.63
C VAL A 200 -22.15 -17.42 17.70
N PHE A 201 -20.98 -17.90 18.10
CA PHE A 201 -20.66 -19.34 18.10
C PHE A 201 -21.19 -20.00 19.36
N SER A 202 -22.51 -19.94 19.55
CA SER A 202 -23.18 -20.26 20.80
C SER A 202 -23.29 -21.72 21.20
N LYS A 203 -22.93 -22.63 20.29
CA LYS A 203 -23.04 -24.07 20.56
C LYS A 203 -21.75 -24.84 20.27
N PRO A 204 -20.72 -24.65 21.12
CA PRO A 204 -19.50 -25.44 20.94
C PRO A 204 -19.72 -26.92 21.28
N THR A 205 -18.90 -27.79 20.72
CA THR A 205 -19.18 -29.21 20.82
C THR A 205 -17.92 -30.05 20.96
N GLY A 206 -16.84 -29.39 21.40
CA GLY A 206 -15.59 -30.08 21.70
C GLY A 206 -15.80 -31.02 22.88
N GLU A 207 -14.93 -32.01 22.99
CA GLU A 207 -14.97 -32.99 24.06
C GLU A 207 -15.04 -32.34 25.45
N PHE A 208 -14.52 -31.15 25.57
CA PHE A 208 -14.43 -30.46 26.85
C PHE A 208 -15.27 -29.22 26.83
N GLY A 209 -16.24 -29.19 25.94
CA GLY A 209 -17.06 -28.00 25.76
C GLY A 209 -16.41 -26.87 24.97
N GLU A 210 -15.24 -27.05 24.37
CA GLU A 210 -14.70 -25.94 23.55
C GLU A 210 -15.29 -25.86 22.16
N LEU A 211 -15.10 -24.69 21.54
CA LEU A 211 -15.46 -24.51 20.17
C LEU A 211 -14.45 -25.21 19.26
N THR A 212 -14.95 -25.91 18.24
CA THR A 212 -14.05 -26.57 17.30
C THR A 212 -14.07 -25.83 15.99
N VAL A 213 -13.06 -26.03 15.18
CA VAL A 213 -13.03 -25.54 13.82
C VAL A 213 -14.30 -25.91 13.07
N ALA A 214 -14.75 -27.15 13.25
CA ALA A 214 -16.00 -27.60 12.65
C ALA A 214 -17.23 -26.80 13.12
N ASP A 215 -17.30 -26.45 14.42
CA ASP A 215 -18.38 -25.60 14.92
C ASP A 215 -18.32 -24.30 14.13
N ALA A 216 -17.12 -23.76 13.99
CA ALA A 216 -16.95 -22.42 13.44
C ALA A 216 -17.26 -22.40 11.95
N GLU A 217 -16.72 -23.36 11.19
CA GLU A 217 -16.99 -23.46 9.74
C GLU A 217 -18.46 -23.64 9.43
N MSE A 218 -19.12 -24.54 10.17
CA MSE A 218 -20.57 -24.72 10.10
C MSE A 218 -21.37 -23.42 10.15
O MSE A 218 -22.24 -23.18 9.32
CB MSE A 218 -21.00 -25.66 11.23
CG MSE A 218 -22.30 -25.28 11.96
SE MSE A 218 -23.80 -26.36 11.41
CE MSE A 218 -23.88 -25.95 9.50
N LEU A 219 -21.08 -22.58 11.14
CA LEU A 219 -21.81 -21.35 11.33
C LEU A 219 -21.44 -20.33 10.27
N LEU A 220 -20.16 -20.22 9.99
CA LEU A 220 -19.67 -19.27 9.00
C LEU A 220 -20.15 -19.55 7.57
N GLN A 221 -20.55 -20.80 7.31
CA GLN A 221 -21.13 -21.13 6.03
C GLN A 221 -22.57 -20.64 5.95
N GLU A 222 -23.29 -20.65 7.06
CA GLU A 222 -24.66 -20.10 7.12
C GLU A 222 -24.80 -18.55 7.31
N PHE A 223 -23.75 -17.92 7.83
CA PHE A 223 -23.77 -16.49 8.07
C PHE A 223 -23.65 -15.70 6.78
N LYS A 224 -24.52 -14.71 6.63
CA LYS A 224 -24.46 -13.79 5.51
C LYS A 224 -24.32 -12.38 6.02
N LEU A 225 -23.41 -11.62 5.41
CA LEU A 225 -23.34 -10.20 5.68
C LEU A 225 -24.57 -9.52 5.09
N PRO A 226 -24.96 -8.34 5.62
CA PRO A 226 -26.04 -7.51 5.03
C PRO A 226 -25.84 -7.27 3.54
N PRO A 227 -26.94 -7.18 2.78
CA PRO A 227 -26.88 -7.07 1.31
C PRO A 227 -25.94 -5.96 0.81
N ILE A 228 -25.89 -4.84 1.54
CA ILE A 228 -25.08 -3.68 1.15
C ILE A 228 -23.59 -4.01 1.01
N TYR A 229 -23.15 -5.10 1.67
CA TYR A 229 -21.75 -5.51 1.67
C TYR A 229 -21.22 -5.97 0.31
N ASP A 230 -22.12 -6.30 -0.60
CA ASP A 230 -21.73 -6.80 -1.91
C ASP A 230 -21.32 -5.69 -2.92
N SER A 231 -21.71 -4.46 -2.62
CA SER A 231 -21.22 -3.28 -3.33
C SER A 231 -19.85 -2.79 -2.83
N LEU A 232 -19.32 -3.44 -1.79
CA LEU A 232 -18.11 -2.96 -1.13
C LEU A 232 -16.83 -3.63 -1.64
N HIS A 233 -16.97 -4.55 -2.58
CA HIS A 233 -15.82 -5.38 -3.02
C HIS A 233 -14.93 -4.72 -4.03
N ASP A 234 -15.48 -3.74 -4.76
CA ASP A 234 -14.76 -3.06 -5.82
C ASP A 234 -14.75 -1.55 -5.62
N ASP A 235 -15.07 -1.13 -4.39
CA ASP A 235 -15.11 0.28 -4.03
C ASP A 235 -14.49 0.50 -2.63
N ASP A 236 -13.21 0.86 -2.63
CA ASP A 236 -12.49 1.11 -1.38
C ASP A 236 -12.98 2.31 -0.58
N GLU A 237 -13.64 3.25 -1.24
CA GLU A 237 -14.26 4.36 -0.51
C GLU A 237 -15.50 3.88 0.28
N LYS A 238 -16.28 3.00 -0.32
CA LYS A 238 -17.47 2.45 0.34
C LYS A 238 -17.11 1.46 1.46
N LEU A 239 -16.17 0.56 1.15
CA LEU A 239 -15.69 -0.43 2.10
C LEU A 239 -15.06 0.24 3.29
N GLY A 240 -14.15 1.18 3.03
CA GLY A 240 -13.55 1.99 4.07
C GLY A 240 -14.58 2.64 4.97
N GLU A 241 -15.72 3.03 4.41
CA GLU A 241 -16.82 3.59 5.19
C GLU A 241 -17.39 2.53 6.12
N ALA A 242 -17.61 1.33 5.60
CA ALA A 242 -18.10 0.23 6.46
C ALA A 242 -17.07 -0.13 7.56
N VAL A 243 -15.82 -0.26 7.19
CA VAL A 243 -14.78 -0.58 8.16
C VAL A 243 -14.71 0.51 9.23
N PHE A 244 -14.76 1.77 8.78
CA PHE A 244 -14.69 2.92 9.65
C PHE A 244 -15.88 2.89 10.62
N PHE A 245 -17.07 2.59 10.09
CA PHE A 245 -18.23 2.40 10.93
C PHE A 245 -17.94 1.40 12.07
N CYS A 246 -17.43 0.23 11.71
CA CYS A 246 -17.13 -0.80 12.72
C CYS A 246 -16.08 -0.39 13.71
N LEU A 247 -15.07 0.35 13.26
CA LEU A 247 -14.06 0.88 14.15
C LEU A 247 -14.70 1.84 15.14
N GLN A 248 -15.58 2.73 14.67
CA GLN A 248 -16.30 3.57 15.60
C GLN A 248 -17.07 2.76 16.63
N ARG A 249 -17.84 1.77 16.16
CA ARG A 249 -18.57 0.92 17.07
C ARG A 249 -17.66 0.12 18.02
N PHE A 250 -16.49 -0.26 17.55
CA PHE A 250 -15.51 -0.96 18.33
C PHE A 250 -14.94 -0.04 19.43
N ALA A 251 -14.53 1.15 19.02
CA ALA A 251 -13.97 2.15 19.92
C ALA A 251 -14.99 2.45 21.02
N GLU A 252 -16.22 2.67 20.60
CA GLU A 252 -17.38 2.92 21.44
C GLU A 252 -17.66 1.80 22.45
N TYR A 253 -17.88 0.61 21.93
CA TYR A 253 -18.19 -0.56 22.74
C TYR A 253 -17.30 -0.77 23.95
N TYR A 254 -15.99 -0.86 23.72
CA TYR A 254 -15.01 -1.12 24.79
C TYR A 254 -14.67 0.11 25.61
N ALA A 255 -15.21 1.26 25.23
CA ALA A 255 -15.17 2.44 26.10
C ALA A 255 -16.27 2.35 27.17
N LYS A 256 -17.37 1.66 26.86
CA LYS A 256 -18.56 1.59 27.74
C LYS A 256 -18.90 0.17 28.27
N TYR A 257 -18.18 -0.85 27.84
CA TYR A 257 -18.53 -2.23 28.17
C TYR A 257 -18.29 -2.64 29.64
N ASP A 258 -19.33 -3.15 30.31
CA ASP A 258 -19.18 -3.57 31.71
C ASP A 258 -18.45 -4.90 31.89
N PHE A 259 -17.15 -4.82 32.14
CA PHE A 259 -16.33 -6.02 32.37
C PHE A 259 -16.52 -6.45 33.82
N SER A 260 -17.03 -5.59 34.67
CA SER A 260 -17.23 -5.98 36.06
C SER A 260 -18.29 -7.09 36.17
N ALA A 261 -19.07 -7.25 35.10
CA ALA A 261 -20.05 -8.31 35.06
C ALA A 261 -19.72 -9.27 33.92
N GLY A 262 -19.57 -8.73 32.73
CA GLY A 262 -19.50 -9.52 31.54
C GLY A 262 -18.10 -9.86 31.10
N THR A 263 -18.02 -10.79 30.16
CA THR A 263 -16.77 -11.26 29.65
C THR A 263 -16.81 -11.02 28.15
N VAL A 264 -15.67 -11.18 27.49
CA VAL A 264 -15.66 -11.13 26.04
C VAL A 264 -15.58 -12.57 25.63
N SER A 265 -16.43 -12.95 24.71
CA SER A 265 -16.51 -14.34 24.34
C SER A 265 -17.12 -14.34 22.98
N LEU A 266 -16.59 -15.15 22.09
CA LEU A 266 -17.20 -15.33 20.79
C LEU A 266 -18.25 -16.42 20.85
N ILE A 267 -18.27 -17.17 21.93
CA ILE A 267 -19.23 -18.24 22.13
C ILE A 267 -20.49 -17.71 22.79
N HIS A 268 -20.31 -16.92 23.85
CA HIS A 268 -21.45 -16.34 24.56
C HIS A 268 -21.16 -14.88 24.91
N PRO A 269 -21.31 -13.98 23.94
CA PRO A 269 -21.03 -12.57 24.18
C PRO A 269 -21.70 -12.07 25.46
N ARG A 270 -20.93 -11.34 26.27
CA ARG A 270 -21.38 -10.66 27.47
C ARG A 270 -21.73 -11.64 28.59
N ARG A 271 -21.32 -12.89 28.44
CA ARG A 271 -21.57 -13.88 29.48
C ARG A 271 -20.96 -13.43 30.79
N HIS A 272 -21.74 -13.57 31.86
CA HIS A 272 -21.35 -13.05 33.15
C HIS A 272 -20.09 -13.72 33.66
N ARG A 273 -19.28 -12.99 34.41
CA ARG A 273 -18.04 -13.54 34.91
C ARG A 273 -18.26 -14.82 35.67
N THR A 274 -19.28 -14.83 36.51
CA THR A 274 -19.52 -15.97 37.41
C THR A 274 -20.09 -17.16 36.63
N VAL A 275 -20.72 -16.90 35.50
CA VAL A 275 -21.16 -18.00 34.68
C VAL A 275 -19.91 -18.58 33.97
N TYR A 276 -19.02 -17.71 33.50
CA TYR A 276 -17.78 -18.13 32.90
C TYR A 276 -17.05 -19.03 33.88
N GLU A 277 -17.05 -18.62 35.14
CA GLU A 277 -16.45 -19.35 36.27
C GLU A 277 -16.96 -20.79 36.37
N ARG A 278 -18.25 -20.99 36.21
CA ARG A 278 -18.84 -22.32 36.26
C ARG A 278 -18.53 -23.07 34.98
N VAL A 279 -18.44 -22.35 33.86
CA VAL A 279 -18.09 -22.95 32.57
C VAL A 279 -16.64 -23.47 32.64
N VAL A 280 -15.76 -22.70 33.28
CA VAL A 280 -14.37 -23.08 33.47
C VAL A 280 -14.31 -24.31 34.37
N ARG A 281 -15.06 -24.28 35.47
CA ARG A 281 -15.07 -25.41 36.42
C ARG A 281 -15.50 -26.70 35.73
N ARG A 282 -16.47 -26.61 34.85
CA ARG A 282 -16.90 -27.81 34.15
C ARG A 282 -15.83 -28.24 33.14
N HIS A 283 -15.27 -27.28 32.42
CA HIS A 283 -14.24 -27.56 31.48
C HIS A 283 -13.08 -28.28 32.15
N LEU A 284 -12.54 -27.69 33.24
CA LEU A 284 -11.41 -28.26 33.95
C LEU A 284 -11.73 -29.59 34.63
N GLU A 285 -13.00 -29.84 34.95
CA GLU A 285 -13.35 -31.13 35.52
C GLU A 285 -13.20 -32.14 34.41
N LEU A 286 -13.60 -31.76 33.22
CA LEU A 286 -13.42 -32.63 32.07
C LEU A 286 -11.94 -32.77 31.69
N LEU A 287 -11.18 -31.70 31.76
CA LEU A 287 -9.81 -31.72 31.36
C LEU A 287 -9.05 -32.52 32.41
N GLY A 288 -9.37 -32.27 33.68
CA GLY A 288 -8.68 -32.91 34.78
C GLY A 288 -8.77 -34.43 34.74
N SER A 289 -9.94 -34.96 34.39
CA SER A 289 -10.11 -36.38 34.45
C SER A 289 -9.43 -37.04 33.25
N ARG A 290 -9.60 -36.46 32.07
CA ARG A 290 -8.85 -36.89 30.90
C ARG A 290 -7.35 -36.95 31.20
N LYS A 291 -6.82 -35.85 31.71
CA LYS A 291 -5.43 -35.72 32.13
C LYS A 291 -4.95 -36.83 33.05
N ARG A 292 -5.72 -37.06 34.13
CA ARG A 292 -5.48 -38.15 35.05
C ARG A 292 -5.45 -39.49 34.34
N LEU A 293 -6.38 -39.73 33.43
CA LEU A 293 -6.39 -41.00 32.73
C LEU A 293 -5.08 -41.15 31.93
N GLU A 294 -4.62 -40.06 31.30
CA GLU A 294 -3.42 -40.14 30.44
C GLU A 294 -2.11 -40.31 31.21
N TRP A 295 -1.96 -39.58 32.32
CA TRP A 295 -0.84 -39.77 33.22
C TRP A 295 -0.77 -41.20 33.71
N GLU A 296 -1.93 -41.74 34.05
CA GLU A 296 -1.97 -43.11 34.57
C GLU A 296 -1.53 -44.10 33.49
N LYS A 297 -1.88 -43.85 32.24
CA LYS A 297 -1.44 -44.72 31.14
C LYS A 297 0.05 -44.63 30.83
N HIS A 298 0.59 -43.42 30.84
CA HIS A 298 2.00 -43.23 30.68
C HIS A 298 2.74 -43.96 31.78
N ILE A 299 2.24 -43.80 33.02
CA ILE A 299 2.85 -44.43 34.18
C ILE A 299 2.83 -45.96 34.11
N ALA A 300 1.71 -46.55 33.70
CA ALA A 300 1.65 -48.01 33.53
C ALA A 300 2.72 -48.51 32.54
N GLU A 301 3.10 -47.67 31.58
CA GLU A 301 4.08 -48.00 30.56
C GLU A 301 5.49 -47.57 30.92
N HIS A 302 5.62 -46.68 31.90
CA HIS A 302 6.92 -46.27 32.39
C HIS A 302 6.87 -46.24 33.90
N LYS A 303 6.82 -47.42 34.51
CA LYS A 303 6.67 -47.53 35.96
C LYS A 303 7.64 -46.68 36.78
N GLU A 304 8.88 -46.54 36.32
CA GLU A 304 9.87 -45.75 37.07
C GLU A 304 9.53 -44.25 37.07
N ASP A 305 8.63 -43.84 36.17
CA ASP A 305 8.04 -42.48 36.16
C ASP A 305 6.89 -42.31 37.16
N GLY A 306 6.51 -43.41 37.83
CA GLY A 306 5.43 -43.39 38.81
C GLY A 306 5.92 -43.41 40.24
N PRO A 307 5.00 -43.57 41.20
CA PRO A 307 3.55 -43.66 40.95
C PRO A 307 2.96 -42.28 40.62
N LEU A 308 1.67 -42.20 40.33
CA LEU A 308 1.04 -40.89 40.06
C LEU A 308 1.19 -40.01 41.29
N ASP A 309 1.94 -38.93 41.12
CA ASP A 309 2.27 -38.02 42.19
C ASP A 309 1.20 -36.95 42.21
N GLU A 310 0.36 -37.01 43.24
CA GLU A 310 -0.80 -36.14 43.38
C GLU A 310 -0.44 -34.66 43.58
N ASN A 311 0.76 -34.38 44.11
CA ASN A 311 1.25 -32.99 44.16
C ASN A 311 1.45 -32.47 42.76
N ASP A 312 2.05 -33.32 41.93
CA ASP A 312 2.38 -32.95 40.56
C ASP A 312 1.09 -32.73 39.79
N PHE A 313 0.14 -33.63 39.98
CA PHE A 313 -1.12 -33.52 39.32
C PHE A 313 -1.80 -32.25 39.78
N SER A 314 -1.87 -32.08 41.09
CA SER A 314 -2.50 -30.90 41.70
C SER A 314 -1.93 -29.58 41.15
N ALA A 315 -0.60 -29.49 41.04
CA ALA A 315 0.07 -28.30 40.52
C ALA A 315 -0.22 -28.08 39.01
N SER A 316 -0.33 -29.18 38.28
CA SER A 316 -0.69 -29.11 36.90
C SER A 316 -2.08 -28.55 36.70
N MSE A 317 -3.04 -29.10 37.46
CA MSE A 317 -4.41 -28.63 37.46
C MSE A 317 -4.44 -27.19 37.91
O MSE A 317 -5.15 -26.38 37.35
CB MSE A 317 -5.28 -29.47 38.38
CG MSE A 317 -6.05 -30.61 37.73
SE MSE A 317 -6.03 -30.58 35.81
CE MSE A 317 -4.60 -31.86 35.70
N GLN A 318 -3.66 -26.87 38.94
CA GLN A 318 -3.52 -25.48 39.38
C GLN A 318 -3.07 -24.55 38.23
N ASN A 319 -2.11 -24.97 37.38
CA ASN A 319 -1.77 -24.14 36.21
C ASN A 319 -2.96 -23.96 35.25
N GLU A 320 -3.77 -24.99 35.04
CA GLU A 320 -4.95 -24.82 34.20
C GLU A 320 -5.95 -23.82 34.81
N THR A 321 -6.13 -23.87 36.13
CA THR A 321 -7.02 -22.96 36.85
C THR A 321 -6.50 -21.54 36.76
N THR A 322 -5.18 -21.42 36.78
CA THR A 322 -4.50 -20.13 36.76
C THR A 322 -4.52 -19.50 35.37
N GLN A 323 -4.71 -20.32 34.35
CA GLN A 323 -4.94 -19.78 33.02
C GLN A 323 -6.36 -19.23 32.80
N ARG A 324 -7.23 -19.36 33.81
CA ARG A 324 -8.65 -19.13 33.61
C ARG A 324 -9.38 -18.42 34.73
N PRO A 325 -8.81 -17.32 35.26
CA PRO A 325 -9.50 -16.61 36.30
C PRO A 325 -10.68 -15.82 35.75
N SER A 326 -11.77 -15.79 36.52
CA SER A 326 -13.02 -15.17 36.10
C SER A 326 -13.06 -13.83 36.79
N ASN A 327 -12.16 -13.71 37.75
CA ASN A 327 -12.11 -12.59 38.66
C ASN A 327 -10.92 -11.67 38.37
N SER A 328 -10.65 -11.40 37.09
CA SER A 328 -9.48 -10.60 36.71
C SER A 328 -9.91 -9.38 35.91
N PRO A 329 -9.06 -8.32 35.87
CA PRO A 329 -9.45 -7.07 35.21
C PRO A 329 -10.25 -7.28 33.91
N TYR A 330 -9.73 -8.12 33.03
CA TYR A 330 -10.43 -8.53 31.80
C TYR A 330 -10.61 -10.03 31.72
N VAL A 331 -11.76 -10.44 31.19
CA VAL A 331 -12.01 -11.79 30.87
C VAL A 331 -12.31 -11.84 29.38
N VAL A 332 -11.28 -12.22 28.63
CA VAL A 332 -11.39 -12.47 27.23
C VAL A 332 -11.14 -13.95 26.99
N GLU A 333 -12.20 -14.63 26.59
CA GLU A 333 -12.23 -16.08 26.50
C GLU A 333 -11.65 -16.59 25.19
N ASP A 334 -10.62 -17.43 25.27
CA ASP A 334 -10.17 -18.19 24.11
C ASP A 334 -11.24 -19.24 23.87
N PHE A 335 -11.81 -19.25 22.67
CA PHE A 335 -12.95 -20.12 22.36
C PHE A 335 -12.58 -21.59 22.24
N VAL A 336 -11.29 -21.92 22.21
CA VAL A 336 -10.89 -23.30 22.04
C VAL A 336 -10.50 -24.01 23.32
N ASN A 337 -10.44 -23.32 24.45
CA ASN A 337 -9.92 -23.93 25.70
C ASN A 337 -10.35 -23.19 26.95
N TYR A 338 -11.19 -22.19 26.75
CA TYR A 338 -11.66 -21.30 27.81
C TYR A 338 -10.60 -20.58 28.59
N VAL A 339 -9.37 -20.65 28.10
CA VAL A 339 -8.29 -19.82 28.63
C VAL A 339 -8.76 -18.35 28.59
N ASN A 340 -8.47 -17.63 29.65
CA ASN A 340 -8.70 -16.22 29.73
C ASN A 340 -7.44 -15.58 29.21
N CYS A 341 -7.37 -15.46 27.89
CA CYS A 341 -6.19 -14.92 27.19
C CYS A 341 -5.91 -13.48 27.56
N GLY A 342 -6.83 -12.86 28.29
CA GLY A 342 -6.61 -11.49 28.76
C GLY A 342 -6.32 -11.41 30.23
N ARG A 343 -5.97 -12.54 30.83
CA ARG A 343 -5.78 -12.61 32.27
C ARG A 343 -4.50 -11.89 32.71
N ARG A 344 -3.61 -11.64 31.76
CA ARG A 344 -2.29 -11.14 32.11
C ARG A 344 -2.31 -9.64 32.36
N VAL A 345 -3.36 -8.96 31.90
CA VAL A 345 -3.48 -7.52 32.09
C VAL A 345 -3.75 -7.26 33.56
N GLN A 346 -2.79 -6.61 34.20
CA GLN A 346 -2.89 -6.35 35.62
C GLN A 346 -3.85 -5.19 35.89
N ALA A 347 -4.44 -5.21 37.09
CA ALA A 347 -5.43 -4.23 37.53
C ALA A 347 -5.00 -2.79 37.26
N SER A 348 -3.71 -2.53 37.43
CA SER A 348 -3.14 -1.20 37.22
C SER A 348 -3.14 -0.74 35.75
N ARG A 349 -3.12 -1.69 34.81
CA ARG A 349 -3.20 -1.36 33.37
C ARG A 349 -4.60 -1.03 32.89
N VAL A 350 -5.60 -1.50 33.64
CA VAL A 350 -7.01 -1.34 33.31
C VAL A 350 -7.33 0.11 32.97
N ARG A 351 -6.49 1.02 33.48
CA ARG A 351 -6.59 2.46 33.20
C ARG A 351 -6.14 2.82 31.79
N HIS A 352 -4.91 2.44 31.44
CA HIS A 352 -4.35 2.84 30.15
C HIS A 352 -5.32 2.45 29.04
N ILE A 353 -5.36 1.16 28.72
CA ILE A 353 -6.31 0.59 27.77
C ILE A 353 -7.62 1.34 27.76
N GLN A 354 -8.20 1.51 28.95
CA GLN A 354 -9.59 1.90 29.12
C GLN A 354 -9.82 3.36 28.88
N GLN A 355 -8.71 4.08 28.80
CA GLN A 355 -8.69 5.47 28.44
C GLN A 355 -8.51 5.47 26.93
N GLU A 356 -7.48 4.79 26.44
CA GLU A 356 -7.17 4.78 25.01
C GLU A 356 -8.28 4.23 24.13
N PHE A 357 -9.30 3.66 24.77
CA PHE A 357 -10.52 3.31 24.08
C PHE A 357 -11.45 4.50 24.08
N ASN A 358 -11.57 5.17 25.23
CA ASN A 358 -12.31 6.43 25.37
C ASN A 358 -11.76 7.44 24.37
N ARG A 359 -10.49 7.25 24.01
CA ARG A 359 -9.74 8.15 23.14
C ARG A 359 -9.82 7.79 21.66
N LEU A 360 -9.91 6.50 21.35
CA LEU A 360 -10.17 6.08 19.98
C LEU A 360 -11.54 6.55 19.52
N ARG A 361 -12.53 6.45 20.40
CA ARG A 361 -13.88 6.79 20.03
C ARG A 361 -14.14 8.28 20.00
N GLU A 362 -13.25 9.05 20.62
CA GLU A 362 -13.37 10.50 20.63
C GLU A 362 -12.87 11.04 19.32
N MSE A 363 -11.88 10.38 18.75
CA MSE A 363 -11.28 10.81 17.51
C MSE A 363 -12.12 10.37 16.33
O MSE A 363 -12.25 11.10 15.34
CB MSE A 363 -9.85 10.30 17.40
CG MSE A 363 -9.01 10.65 18.61
SE MSE A 363 -7.13 10.40 18.29
CE MSE A 363 -6.81 12.03 17.25
N LEU A 364 -12.70 9.18 16.44
CA LEU A 364 -13.45 8.56 15.36
C LEU A 364 -14.89 9.05 15.28
N ILE A 365 -15.42 9.55 16.39
CA ILE A 365 -16.85 9.89 16.46
C ILE A 365 -17.05 11.40 16.69
N ASP A 366 -16.74 11.86 17.89
CA ASP A 366 -16.85 13.27 18.23
C ASP A 366 -16.04 14.15 17.28
N LYS A 367 -14.72 13.94 17.27
CA LYS A 367 -13.81 14.73 16.45
C LYS A 367 -13.63 14.17 15.03
N GLU A 368 -14.70 13.57 14.49
CA GLU A 368 -14.69 12.92 13.17
C GLU A 368 -14.21 13.87 12.07
N SER A 369 -14.72 15.10 12.10
CA SER A 369 -14.38 16.14 11.12
C SER A 369 -12.92 16.58 11.18
N GLU A 370 -12.23 16.13 12.22
CA GLU A 370 -10.87 16.55 12.55
C GLU A 370 -9.86 15.41 12.34
N LEU A 371 -10.25 14.40 11.57
CA LEU A 371 -9.49 13.15 11.48
C LEU A 371 -8.19 13.15 10.65
N LYS A 372 -7.12 12.66 11.25
CA LYS A 372 -5.84 12.48 10.57
C LYS A 372 -5.32 11.06 10.85
N PHE A 373 -5.06 10.33 9.77
CA PHE A 373 -4.57 8.96 9.89
C PHE A 373 -3.32 8.84 10.75
N ASP A 374 -2.33 9.68 10.48
CA ASP A 374 -1.05 9.65 11.18
C ASP A 374 -1.09 10.28 12.59
N GLU A 375 -2.27 10.48 13.18
CA GLU A 375 -2.38 11.00 14.56
C GLU A 375 -3.14 10.02 15.47
N VAL A 376 -3.98 9.20 14.86
CA VAL A 376 -4.73 8.18 15.58
C VAL A 376 -3.85 6.95 15.74
N PHE A 377 -3.05 6.68 14.70
CA PHE A 377 -2.20 5.50 14.60
C PHE A 377 -0.71 5.77 14.81
N ARG A 378 -0.28 6.31 15.95
CA ARG A 378 1.17 6.40 16.17
C ARG A 378 1.66 6.24 17.61
N GLU A 379 2.90 5.73 17.73
CA GLU A 379 3.56 5.38 19.01
C GLU A 379 3.09 6.16 20.23
N SER A 380 2.95 5.47 21.36
CA SER A 380 2.38 6.07 22.58
C SER A 380 3.08 5.63 23.87
N ASP A 381 4.30 6.08 24.11
CA ASP A 381 5.10 5.67 25.29
C ASP A 381 4.48 6.12 26.65
N THR A 382 3.77 5.20 27.29
CA THR A 382 2.87 5.52 28.42
C THR A 382 2.88 4.49 29.57
N VAL A 383 3.10 3.21 29.20
CA VAL A 383 3.05 2.05 30.12
C VAL A 383 4.39 1.31 30.13
N VAL B 2 20.33 -7.33 3.85
CA VAL B 2 19.11 -7.08 4.68
C VAL B 2 18.53 -5.69 4.44
N ALA B 3 19.39 -4.67 4.34
CA ALA B 3 18.95 -3.29 4.16
C ALA B 3 18.33 -3.16 2.79
N LYS B 4 19.04 -3.68 1.78
CA LYS B 4 18.53 -3.67 0.41
C LYS B 4 17.18 -4.39 0.33
N ARG B 5 17.10 -5.58 0.90
CA ARG B 5 15.86 -6.35 0.88
C ARG B 5 14.68 -5.63 1.57
N GLU B 6 14.97 -4.76 2.55
CA GLU B 6 13.90 -4.02 3.23
C GLU B 6 13.50 -2.77 2.48
N PHE B 7 14.49 -2.15 1.84
CA PHE B 7 14.30 -1.00 0.99
C PHE B 7 13.38 -1.38 -0.17
N ILE B 8 13.75 -2.43 -0.89
CA ILE B 8 12.96 -2.94 -1.99
C ILE B 8 11.54 -3.31 -1.55
N ARG B 9 11.41 -3.90 -0.36
CA ARG B 9 10.12 -4.27 0.23
C ARG B 9 9.24 -3.03 0.42
N GLY B 10 9.76 -2.03 1.12
CA GLY B 10 9.07 -0.77 1.38
C GLY B 10 8.72 -0.01 0.11
N MSE B 11 9.68 0.07 -0.83
CA MSE B 11 9.45 0.82 -2.04
C MSE B 11 8.33 0.22 -2.87
O MSE B 11 7.54 0.97 -3.43
CB MSE B 11 10.74 1.00 -2.85
CG MSE B 11 11.13 -0.16 -3.76
SE MSE B 11 12.85 0.08 -4.71
CE MSE B 11 12.48 -1.08 -6.22
N MSE B 12 8.26 -1.11 -2.94
CA MSE B 12 7.15 -1.75 -3.64
C MSE B 12 5.88 -1.51 -2.80
O MSE B 12 4.85 -1.11 -3.34
CB MSE B 12 7.38 -3.25 -3.87
CG MSE B 12 8.45 -3.62 -4.90
SE MSE B 12 8.40 -2.80 -6.74
CE MSE B 12 9.03 -1.05 -6.28
N ALA B 13 5.99 -1.67 -1.49
CA ALA B 13 4.83 -1.41 -0.63
C ALA B 13 4.21 -0.08 -1.01
N HIS B 14 5.05 0.94 -1.12
CA HIS B 14 4.64 2.33 -1.34
C HIS B 14 4.03 2.51 -2.74
N TYR B 15 4.64 1.85 -3.70
CA TYR B 15 4.06 1.85 -5.00
C TYR B 15 2.67 1.19 -4.92
N ARG B 16 2.59 0.02 -4.29
CA ARG B 16 1.31 -0.69 -4.16
C ARG B 16 0.22 0.11 -3.44
N ALA B 17 0.62 1.09 -2.62
CA ALA B 17 -0.30 1.91 -1.82
C ALA B 17 -0.71 3.19 -2.53
N SER B 18 -0.20 3.35 -3.74
CA SER B 18 -0.38 4.58 -4.47
C SER B 18 -1.16 4.31 -5.73
N LEU B 19 -1.42 3.04 -6.01
CA LEU B 19 -2.24 2.65 -7.15
C LEU B 19 -3.69 3.12 -6.93
N PRO B 20 -4.28 3.76 -7.96
CA PRO B 20 -5.68 4.14 -7.87
C PRO B 20 -6.56 3.00 -7.38
N PRO B 21 -7.45 3.27 -6.42
CA PRO B 21 -8.37 2.25 -5.91
C PRO B 21 -9.28 1.76 -7.03
N PRO B 22 -9.91 0.59 -6.85
CA PRO B 22 -10.79 0.07 -7.90
C PRO B 22 -11.81 1.07 -8.50
N GLU B 23 -12.41 1.92 -7.68
CA GLU B 23 -13.50 2.77 -8.11
C GLU B 23 -13.02 4.05 -8.81
N HIS B 24 -11.71 4.26 -8.81
CA HIS B 24 -11.10 5.51 -9.25
C HIS B 24 -11.33 5.83 -10.73
N SER B 25 -11.40 4.80 -11.55
CA SER B 25 -11.76 4.93 -12.94
C SER B 25 -13.09 5.68 -13.04
N VAL B 26 -14.07 5.24 -12.27
CA VAL B 26 -15.38 5.84 -12.25
C VAL B 26 -15.34 7.26 -11.70
N VAL B 27 -14.58 7.48 -10.63
CA VAL B 27 -14.45 8.84 -10.06
C VAL B 27 -13.99 9.84 -11.16
N ILE B 28 -12.96 9.45 -11.91
CA ILE B 28 -12.31 10.33 -12.88
C ILE B 28 -13.24 10.60 -14.06
N HIS B 29 -13.99 9.57 -14.44
CA HIS B 29 -15.01 9.68 -15.49
C HIS B 29 -16.13 10.65 -15.14
N GLU B 30 -16.54 10.64 -13.88
CA GLU B 30 -17.62 11.52 -13.42
C GLU B 30 -17.04 12.91 -13.36
N LEU B 31 -15.81 13.02 -12.87
CA LEU B 31 -15.13 14.29 -12.89
C LEU B 31 -15.12 14.95 -14.28
N GLN B 32 -14.81 14.15 -15.30
CA GLN B 32 -14.83 14.61 -16.68
C GLN B 32 -16.19 15.12 -17.08
N LYS B 33 -17.23 14.43 -16.63
CA LYS B 33 -18.61 14.79 -16.96
C LYS B 33 -18.96 16.13 -16.38
N ARG B 34 -18.46 16.40 -15.18
CA ARG B 34 -18.67 17.67 -14.49
C ARG B 34 -17.99 18.80 -15.22
N VAL B 35 -16.75 18.56 -15.64
CA VAL B 35 -15.98 19.57 -16.36
C VAL B 35 -16.61 19.93 -17.71
N LEU B 36 -17.13 18.90 -18.37
CA LEU B 36 -17.83 19.06 -19.62
C LEU B 36 -19.10 19.87 -19.43
N ASP B 37 -19.81 19.66 -18.30
CA ASP B 37 -21.03 20.46 -17.95
C ASP B 37 -20.73 21.95 -17.81
N ILE B 38 -19.67 22.26 -17.10
CA ILE B 38 -19.16 23.62 -17.01
C ILE B 38 -18.80 24.10 -18.42
N GLY B 39 -18.09 23.27 -19.19
CA GLY B 39 -17.58 23.69 -20.51
C GLY B 39 -18.71 24.00 -21.48
N MSE B 40 -19.68 23.09 -21.58
CA MSE B 40 -20.94 23.33 -22.28
C MSE B 40 -21.65 24.67 -22.01
O MSE B 40 -22.21 25.30 -22.93
CB MSE B 40 -21.91 22.22 -21.96
CG MSE B 40 -21.63 20.95 -22.77
SE MSE B 40 -22.96 19.61 -22.35
CE MSE B 40 -24.40 20.70 -21.60
N LEU B 41 -21.64 25.12 -20.77
CA LEU B 41 -22.15 26.45 -20.48
C LEU B 41 -21.30 27.57 -21.09
N ALA B 42 -20.02 27.29 -21.33
CA ALA B 42 -19.08 28.33 -21.73
C ALA B 42 -18.84 28.43 -23.24
N VAL B 43 -18.82 27.31 -23.95
CA VAL B 43 -18.30 27.32 -25.30
C VAL B 43 -19.21 26.51 -26.17
N ASN B 44 -19.17 26.75 -27.47
CA ASN B 44 -20.04 26.01 -28.37
C ASN B 44 -19.34 24.69 -28.65
N LYS B 45 -20.09 23.61 -28.73
CA LYS B 45 -19.51 22.26 -28.94
C LYS B 45 -18.33 21.95 -28.01
N ALA B 46 -18.54 22.18 -26.71
CA ALA B 46 -17.53 21.86 -25.73
C ALA B 46 -17.05 20.42 -25.86
N HIS B 47 -15.75 20.24 -25.72
CA HIS B 47 -15.19 18.92 -25.70
C HIS B 47 -14.09 18.91 -24.66
N VAL B 48 -14.10 17.87 -23.85
CA VAL B 48 -13.20 17.78 -22.74
C VAL B 48 -12.40 16.51 -22.85
N GLU B 49 -11.09 16.64 -22.79
CA GLU B 49 -10.28 15.47 -22.93
C GLU B 49 -9.22 15.46 -21.87
N LEU B 50 -9.13 14.33 -21.18
CA LEU B 50 -8.19 14.12 -20.10
C LEU B 50 -6.82 13.87 -20.69
N PHE B 51 -5.80 14.38 -19.99
CA PHE B 51 -4.42 13.96 -20.23
C PHE B 51 -3.63 13.86 -18.91
N GLY B 52 -2.30 13.84 -18.99
CA GLY B 52 -1.48 13.73 -17.77
C GLY B 52 -1.49 12.32 -17.21
N SER B 53 -1.07 12.19 -15.95
CA SER B 53 -0.82 10.83 -15.39
C SER B 53 -2.07 9.94 -15.28
N HIS B 54 -3.24 10.54 -15.06
CA HIS B 54 -4.49 9.80 -15.08
C HIS B 54 -4.73 9.12 -16.43
N VAL B 55 -4.07 9.61 -17.49
CA VAL B 55 -4.16 8.94 -18.78
C VAL B 55 -3.03 7.94 -18.94
N SER B 56 -1.80 8.37 -18.63
CA SER B 56 -0.64 7.50 -18.71
C SER B 56 -0.72 6.38 -17.69
N GLY B 57 -1.36 6.64 -16.55
CA GLY B 57 -1.45 5.67 -15.45
C GLY B 57 -0.29 5.76 -14.48
N PHE B 58 0.66 6.65 -14.75
CA PHE B 58 1.73 6.93 -13.78
C PHE B 58 1.22 7.93 -12.76
N CYS B 59 0.08 7.61 -12.12
CA CYS B 59 -0.52 8.50 -11.12
C CYS B 59 -0.59 7.92 -9.72
N THR B 60 -0.63 8.82 -8.75
CA THR B 60 -0.96 8.53 -7.36
C THR B 60 -2.41 9.03 -7.09
N PRO B 61 -2.99 8.65 -5.95
CA PRO B 61 -4.36 9.14 -5.78
C PRO B 61 -4.36 10.66 -5.48
N HIS B 62 -3.16 11.23 -5.34
CA HIS B 62 -3.00 12.67 -5.09
C HIS B 62 -2.61 13.47 -6.34
N SER B 63 -2.41 12.77 -7.46
CA SER B 63 -2.16 13.40 -8.75
C SER B 63 -3.37 14.22 -9.22
N ASP B 64 -3.09 15.35 -9.85
CA ASP B 64 -4.10 16.23 -10.41
C ASP B 64 -4.73 15.67 -11.67
N ALA B 65 -5.75 16.37 -12.15
CA ALA B 65 -6.38 15.99 -13.38
C ALA B 65 -6.14 17.06 -14.45
N ASP B 66 -5.47 16.67 -15.53
CA ASP B 66 -5.21 17.56 -16.67
C ASP B 66 -6.27 17.42 -17.75
N ILE B 67 -6.88 18.55 -18.09
CA ILE B 67 -8.00 18.52 -19.01
C ILE B 67 -7.81 19.49 -20.17
N SER B 68 -7.92 19.00 -21.39
CA SER B 68 -7.80 19.82 -22.56
C SER B 68 -9.19 20.17 -22.97
N LEU B 69 -9.48 21.48 -23.08
CA LEU B 69 -10.80 21.94 -23.54
C LEU B 69 -10.75 22.41 -24.98
N THR B 70 -11.62 21.86 -25.82
CA THR B 70 -11.77 22.37 -27.20
C THR B 70 -13.25 22.69 -27.51
N TYR B 71 -13.51 23.35 -28.62
CA TYR B 71 -14.81 23.94 -28.92
C TYR B 71 -15.06 23.96 -30.44
N ARG B 72 -16.19 24.49 -30.87
CA ARG B 72 -16.51 24.56 -32.28
C ARG B 72 -15.53 25.47 -33.01
N ASN B 73 -14.96 24.96 -34.10
CA ASN B 73 -13.90 25.62 -34.89
C ASN B 73 -12.66 25.98 -34.12
N PHE B 74 -12.36 25.22 -33.08
CA PHE B 74 -11.09 25.35 -32.45
C PHE B 74 -10.02 24.96 -33.47
N SER B 75 -8.94 25.71 -33.49
CA SER B 75 -7.79 25.36 -34.30
C SER B 75 -6.53 25.68 -33.52
N PRO B 76 -5.63 24.69 -33.38
CA PRO B 76 -4.33 24.87 -32.72
C PRO B 76 -3.45 25.93 -33.39
N TRP B 77 -3.64 26.14 -34.69
CA TRP B 77 -2.78 27.03 -35.46
C TRP B 77 -3.11 28.51 -35.32
N LEU B 78 -4.29 28.81 -34.78
CA LEU B 78 -4.72 30.19 -34.69
C LEU B 78 -4.21 30.85 -33.41
N GLN B 79 -3.57 30.09 -32.55
CA GLN B 79 -2.92 30.63 -31.37
C GLN B 79 -1.83 31.60 -31.83
N GLY B 80 -1.75 32.75 -31.15
CA GLY B 80 -0.89 33.84 -31.57
C GLY B 80 -1.67 34.97 -32.22
N MSE B 81 -2.70 34.63 -32.97
CA MSE B 81 -3.54 35.63 -33.58
C MSE B 81 -4.30 36.37 -32.50
O MSE B 81 -4.96 35.73 -31.69
CB MSE B 81 -4.50 34.94 -34.52
CG MSE B 81 -5.50 35.85 -35.14
SE MSE B 81 -5.68 35.35 -36.97
CE MSE B 81 -5.74 33.45 -36.81
N GLU B 82 -4.21 37.69 -32.48
CA GLU B 82 -4.69 38.46 -31.33
C GLU B 82 -6.20 38.29 -31.13
N ARG B 83 -6.96 38.34 -32.22
CA ARG B 83 -8.41 38.25 -32.14
C ARG B 83 -8.90 36.88 -31.68
N VAL B 84 -8.15 35.84 -31.98
CA VAL B 84 -8.53 34.50 -31.58
C VAL B 84 -8.08 34.26 -30.15
N ASP B 85 -6.93 34.82 -29.82
CA ASP B 85 -6.43 34.79 -28.47
C ASP B 85 -7.44 35.41 -27.48
N GLU B 86 -8.00 36.55 -27.87
CA GLU B 86 -8.91 37.32 -27.04
C GLU B 86 -10.25 36.58 -26.89
N GLN B 87 -10.70 36.00 -28.00
CA GLN B 87 -11.82 35.10 -28.06
C GLN B 87 -11.66 33.89 -27.11
N ASN B 88 -10.45 33.32 -27.07
CA ASN B 88 -10.16 32.25 -26.12
C ASN B 88 -10.13 32.71 -24.70
N ASN B 89 -9.63 33.91 -24.49
CA ASN B 89 -9.65 34.51 -23.17
C ASN B 89 -11.09 34.65 -22.64
N LYS B 90 -11.98 35.09 -23.52
CA LYS B 90 -13.39 35.19 -23.25
C LYS B 90 -14.03 33.81 -23.01
N ARG B 91 -13.55 32.78 -23.70
CA ARG B 91 -14.03 31.42 -23.44
C ARG B 91 -13.63 30.94 -22.03
N MSE B 92 -12.40 31.21 -21.65
CA MSE B 92 -11.84 30.75 -20.37
C MSE B 92 -12.42 31.54 -19.21
O MSE B 92 -12.60 31.03 -18.11
CB MSE B 92 -10.32 30.82 -20.43
CG MSE B 92 -9.70 29.77 -21.35
SE MSE B 92 -9.97 27.91 -20.72
CE MSE B 92 -11.70 27.57 -21.46
N THR B 93 -12.72 32.79 -19.48
CA THR B 93 -13.42 33.62 -18.56
C THR B 93 -14.78 33.02 -18.21
N ARG B 94 -15.56 32.67 -19.22
CA ARG B 94 -16.85 32.11 -18.93
C ARG B 94 -16.68 30.76 -18.22
N PHE B 95 -15.68 29.98 -18.66
CA PHE B 95 -15.44 28.66 -18.09
C PHE B 95 -15.25 28.80 -16.58
N GLY B 96 -14.37 29.70 -16.22
CA GLY B 96 -14.14 30.05 -14.86
C GLY B 96 -15.41 30.40 -14.13
N LYS B 97 -16.23 31.26 -14.72
CA LYS B 97 -17.42 31.74 -14.07
C LYS B 97 -18.45 30.63 -13.90
N GLU B 98 -18.57 29.79 -14.92
CA GLU B 98 -19.55 28.72 -14.85
C GLU B 98 -19.06 27.62 -13.91
N ALA B 99 -17.72 27.53 -13.74
CA ALA B 99 -17.07 26.54 -12.82
C ALA B 99 -17.32 26.89 -11.36
N SER B 100 -17.18 28.16 -11.03
CA SER B 100 -17.62 28.67 -9.71
C SER B 100 -19.09 28.40 -9.48
N ALA B 101 -19.92 28.67 -10.49
CA ALA B 101 -21.37 28.52 -10.34
C ALA B 101 -21.75 27.06 -10.12
N MSE B 102 -21.09 26.14 -10.82
CA MSE B 102 -21.32 24.72 -10.65
C MSE B 102 -20.87 24.20 -9.26
O MSE B 102 -21.33 23.16 -8.80
CB MSE B 102 -20.60 23.92 -11.72
CG MSE B 102 -21.12 24.12 -13.12
SE MSE B 102 -23.02 23.73 -13.29
CE MSE B 102 -22.80 23.07 -15.10
N GLY B 103 -19.98 24.95 -8.61
CA GLY B 103 -19.59 24.60 -7.27
C GLY B 103 -18.16 24.10 -7.21
N MSE B 104 -17.37 24.43 -8.22
CA MSE B 104 -15.95 24.15 -8.18
C MSE B 104 -15.36 25.16 -7.22
O MSE B 104 -15.82 26.28 -7.10
CB MSE B 104 -15.30 24.26 -9.57
CG MSE B 104 -15.77 23.27 -10.63
SE MSE B 104 -15.89 21.39 -10.05
CE MSE B 104 -17.78 21.46 -9.53
N GLU B 105 -14.33 24.72 -6.51
CA GLU B 105 -13.67 25.52 -5.51
C GLU B 105 -12.34 26.04 -6.06
N ASP B 106 -11.85 27.13 -5.46
CA ASP B 106 -10.54 27.70 -5.73
C ASP B 106 -10.34 27.92 -7.23
N VAL B 107 -11.40 28.35 -7.91
CA VAL B 107 -11.37 28.54 -9.36
C VAL B 107 -10.46 29.73 -9.66
N ARG B 108 -9.51 29.51 -10.55
CA ARG B 108 -8.49 30.52 -10.87
C ARG B 108 -8.24 30.50 -12.37
N TYR B 109 -8.49 31.64 -13.00
CA TYR B 109 -8.20 31.80 -14.40
C TYR B 109 -6.83 32.49 -14.54
N ILE B 110 -5.86 31.76 -15.05
CA ILE B 110 -4.50 32.25 -15.23
C ILE B 110 -4.20 32.60 -16.68
N ARG B 111 -3.78 33.86 -16.88
CA ARG B 111 -3.38 34.40 -18.19
C ARG B 111 -1.88 34.16 -18.43
N ALA B 112 -1.54 33.17 -19.26
CA ALA B 112 -0.15 32.74 -19.35
C ALA B 112 0.29 32.27 -20.73
N ARG B 113 1.47 31.63 -20.77
CA ARG B 113 2.03 30.90 -21.94
C ARG B 113 1.13 29.74 -22.35
N ILE B 114 -0.11 29.81 -21.84
CA ILE B 114 -1.12 28.77 -21.88
C ILE B 114 -2.26 29.33 -21.02
N PRO B 115 -3.25 29.99 -21.66
CA PRO B 115 -4.40 30.44 -20.84
C PRO B 115 -5.10 29.22 -20.19
N VAL B 116 -5.11 29.18 -18.86
CA VAL B 116 -5.44 27.98 -18.10
C VAL B 116 -6.43 28.29 -16.96
N VAL B 117 -7.34 27.37 -16.67
CA VAL B 117 -8.22 27.57 -15.51
C VAL B 117 -7.96 26.43 -14.56
N GLN B 118 -7.63 26.76 -13.31
CA GLN B 118 -7.43 25.74 -12.32
C GLN B 118 -8.51 25.77 -11.27
N PHE B 119 -8.97 24.59 -10.87
CA PHE B 119 -9.87 24.51 -9.76
C PHE B 119 -9.70 23.21 -9.02
N THR B 120 -10.22 23.19 -7.80
CA THR B 120 -10.35 21.97 -6.99
C THR B 120 -11.79 21.50 -7.14
N ASP B 121 -11.96 20.27 -7.64
CA ASP B 121 -13.28 19.69 -7.89
C ASP B 121 -14.08 19.68 -6.64
N GLY B 122 -15.31 20.19 -6.73
CA GLY B 122 -16.19 20.35 -5.57
C GLY B 122 -16.69 19.06 -4.99
N VAL B 123 -16.42 17.95 -5.66
CA VAL B 123 -16.93 16.67 -5.23
C VAL B 123 -15.86 15.83 -4.60
N THR B 124 -14.72 15.72 -5.27
CA THR B 124 -13.70 14.73 -4.91
C THR B 124 -12.41 15.35 -4.39
N GLY B 125 -12.29 16.67 -4.49
CA GLY B 125 -11.09 17.35 -4.03
C GLY B 125 -9.90 17.32 -4.97
N ILE B 126 -9.97 16.49 -6.01
CA ILE B 126 -8.93 16.44 -7.06
C ILE B 126 -8.62 17.82 -7.66
N HIS B 127 -7.34 18.13 -7.82
CA HIS B 127 -7.00 19.42 -8.45
C HIS B 127 -7.13 19.33 -9.97
N CYS B 128 -7.69 20.37 -10.60
CA CYS B 128 -7.89 20.34 -12.05
C CYS B 128 -7.24 21.50 -12.79
N ASP B 129 -6.59 21.18 -13.89
CA ASP B 129 -5.85 22.13 -14.71
C ASP B 129 -6.54 22.05 -16.06
N VAL B 130 -7.23 23.11 -16.44
CA VAL B 130 -7.97 23.10 -17.69
C VAL B 130 -7.34 24.15 -18.63
N SER B 131 -7.03 23.70 -19.84
CA SER B 131 -6.40 24.58 -20.84
C SER B 131 -7.09 24.32 -22.15
N ILE B 132 -7.02 25.28 -23.04
CA ILE B 132 -7.62 25.14 -24.36
C ILE B 132 -6.64 24.43 -25.28
N GLY B 133 -7.07 23.31 -25.84
CA GLY B 133 -6.36 22.71 -26.96
C GLY B 133 -4.94 22.26 -26.66
N ASN B 134 -4.81 21.58 -25.53
CA ASN B 134 -3.55 21.03 -25.23
C ASN B 134 -3.26 19.76 -26.02
N ILE B 135 -3.19 19.89 -27.35
CA ILE B 135 -3.08 18.75 -28.27
C ILE B 135 -1.85 17.92 -27.98
N GLY B 136 -0.72 18.57 -27.76
CA GLY B 136 0.50 17.91 -27.37
C GLY B 136 0.36 17.10 -26.10
N GLY B 137 -0.30 17.64 -25.07
CA GLY B 137 -0.51 16.87 -23.85
C GLY B 137 -1.38 15.65 -24.16
N VAL B 138 -2.42 15.85 -24.93
CA VAL B 138 -3.29 14.73 -25.20
C VAL B 138 -2.44 13.61 -25.84
N GLU B 139 -1.69 13.95 -26.88
CA GLU B 139 -0.96 12.94 -27.60
C GLU B 139 0.15 12.27 -26.78
N ASN B 140 0.99 13.05 -26.09
CA ASN B 140 2.10 12.40 -25.46
C ASN B 140 1.67 11.62 -24.21
N SER B 141 0.46 11.88 -23.72
CA SER B 141 -0.10 11.11 -22.61
C SER B 141 -0.62 9.78 -23.09
N LYS B 142 -1.05 9.74 -24.34
CA LYS B 142 -1.47 8.47 -24.91
C LYS B 142 -0.24 7.63 -25.20
N ILE B 143 0.86 8.26 -25.61
CA ILE B 143 2.12 7.53 -25.83
C ILE B 143 2.66 6.96 -24.52
N LEU B 144 2.61 7.74 -23.45
CA LEU B 144 3.05 7.27 -22.16
C LEU B 144 2.21 6.12 -21.59
N CYS B 145 0.90 6.19 -21.85
CA CYS B 145 -0.01 5.16 -21.43
C CYS B 145 0.42 3.90 -22.18
N ALA B 146 0.58 3.99 -23.50
CA ALA B 146 1.00 2.83 -24.28
C ALA B 146 2.31 2.22 -23.71
N ILE B 147 3.25 3.06 -23.28
CA ILE B 147 4.49 2.56 -22.74
C ILE B 147 4.23 1.78 -21.45
N ARG B 148 3.44 2.35 -20.57
CA ARG B 148 3.12 1.73 -19.31
C ARG B 148 2.49 0.36 -19.48
N GLN B 149 1.66 0.20 -20.50
CA GLN B 149 0.96 -1.06 -20.74
C GLN B 149 1.86 -2.25 -21.03
N VAL B 150 3.02 -2.03 -21.63
CA VAL B 150 3.98 -3.14 -21.81
C VAL B 150 4.17 -4.04 -20.55
N PHE B 151 4.23 -3.45 -19.36
CA PHE B 151 4.36 -4.21 -18.08
C PHE B 151 4.07 -3.23 -16.98
N PRO B 152 2.78 -2.94 -16.71
CA PRO B 152 2.45 -1.81 -15.86
C PRO B 152 3.22 -1.75 -14.53
N ASP B 153 3.35 -2.85 -13.81
CA ASP B 153 3.98 -2.78 -12.50
C ASP B 153 5.47 -2.49 -12.58
N PHE B 154 6.11 -2.93 -13.68
CA PHE B 154 7.52 -2.64 -13.86
C PHE B 154 7.75 -1.15 -14.16
N TYR B 155 7.14 -0.66 -15.23
CA TYR B 155 7.25 0.75 -15.61
C TYR B 155 6.60 1.65 -14.60
N GLY B 156 5.41 1.28 -14.15
CA GLY B 156 4.69 2.00 -13.12
C GLY B 156 5.49 2.16 -11.84
N ALA B 157 6.07 1.07 -11.35
CA ALA B 157 6.82 1.12 -10.10
C ALA B 157 8.04 1.97 -10.28
N TYR B 158 8.78 1.69 -11.35
CA TYR B 158 9.95 2.46 -11.72
C TYR B 158 9.63 3.95 -11.82
N ILE B 159 8.66 4.30 -12.69
CA ILE B 159 8.22 5.69 -12.83
C ILE B 159 7.67 6.26 -11.52
N HIS B 160 6.87 5.47 -10.81
CA HIS B 160 6.38 5.94 -9.51
C HIS B 160 7.53 6.36 -8.58
N LEU B 161 8.53 5.50 -8.44
CA LEU B 161 9.60 5.75 -7.51
C LEU B 161 10.50 6.90 -7.91
N VAL B 162 10.71 7.04 -9.20
CA VAL B 162 11.45 8.14 -9.78
C VAL B 162 10.70 9.42 -9.50
N LYS B 163 9.38 9.35 -9.62
CA LYS B 163 8.55 10.52 -9.43
C LYS B 163 8.46 10.84 -7.92
N ALA B 164 8.10 9.84 -7.10
CA ALA B 164 8.14 9.98 -5.63
C ALA B 164 9.49 10.51 -5.21
N TRP B 165 10.57 9.89 -5.69
CA TRP B 165 11.89 10.41 -5.41
C TRP B 165 11.97 11.87 -5.80
N GLY B 166 11.74 12.16 -7.08
CA GLY B 166 11.85 13.50 -7.63
C GLY B 166 10.99 14.51 -6.91
N LYS B 167 9.71 14.20 -6.71
CA LYS B 167 8.79 15.10 -6.01
C LYS B 167 9.31 15.35 -4.61
N ALA B 168 9.36 14.29 -3.80
CA ALA B 168 9.91 14.34 -2.45
C ALA B 168 11.27 15.04 -2.38
N ARG B 169 12.10 14.91 -3.41
CA ARG B 169 13.44 15.51 -3.42
C ARG B 169 13.51 16.85 -4.15
N GLU B 170 12.36 17.41 -4.53
CA GLU B 170 12.32 18.69 -5.27
C GLU B 170 13.07 18.62 -6.59
N VAL B 171 13.15 17.45 -7.21
CA VAL B 171 13.72 17.33 -8.55
C VAL B 171 12.63 17.68 -9.52
N ILE B 172 11.44 17.14 -9.24
CA ILE B 172 10.23 17.54 -9.91
C ILE B 172 9.58 18.56 -9.01
N ALA B 173 9.87 19.83 -9.27
CA ALA B 173 9.19 20.94 -8.61
C ALA B 173 9.00 22.06 -9.62
N PRO B 174 7.94 21.95 -10.45
CA PRO B 174 7.69 22.98 -11.48
C PRO B 174 7.61 24.41 -10.86
N GLU B 175 6.58 24.69 -10.05
CA GLU B 175 6.46 26.02 -9.38
C GLU B 175 7.67 26.39 -8.50
N ARG B 176 8.73 25.60 -8.56
CA ARG B 176 9.93 25.90 -7.81
C ARG B 176 11.20 25.89 -8.67
N SER B 177 11.06 26.11 -9.97
CA SER B 177 12.21 26.29 -10.90
C SER B 177 12.96 25.04 -11.43
N THR B 178 12.49 23.83 -11.09
CA THR B 178 13.17 22.61 -11.54
C THR B 178 12.36 21.89 -12.64
N PHE B 179 12.30 20.57 -12.61
CA PHE B 179 11.70 19.83 -13.70
C PHE B 179 10.26 19.69 -13.35
N ASN B 180 9.49 19.21 -14.31
CA ASN B 180 8.16 18.75 -14.05
C ASN B 180 8.08 17.24 -14.25
N SER B 181 7.01 16.66 -13.75
CA SER B 181 6.80 15.22 -13.83
C SER B 181 7.07 14.68 -15.20
N PHE B 182 6.65 15.44 -16.21
CA PHE B 182 6.73 14.89 -17.52
C PHE B 182 8.17 14.85 -18.02
N THR B 183 8.93 15.90 -17.75
CA THR B 183 10.35 15.92 -18.10
C THR B 183 11.07 14.73 -17.45
N VAL B 184 10.76 14.48 -16.19
CA VAL B 184 11.46 13.47 -15.44
C VAL B 184 11.05 12.09 -15.88
N THR B 185 9.77 11.96 -16.17
CA THR B 185 9.28 10.72 -16.71
C THR B 185 10.11 10.44 -17.94
N THR B 186 10.34 11.46 -18.78
CA THR B 186 10.91 11.22 -20.12
C THR B 186 12.34 10.79 -19.96
N MSE B 187 13.03 11.43 -19.04
CA MSE B 187 14.40 11.07 -18.70
C MSE B 187 14.54 9.64 -18.24
O MSE B 187 15.44 8.92 -18.68
CB MSE B 187 14.92 12.00 -17.63
CG MSE B 187 14.95 13.42 -18.13
SE MSE B 187 15.34 14.66 -16.68
CE MSE B 187 17.08 13.99 -16.12
N ALA B 188 13.65 9.22 -17.36
CA ALA B 188 13.73 7.90 -16.77
C ALA B 188 13.41 6.84 -17.84
N LEU B 189 12.54 7.19 -18.77
CA LEU B 189 12.21 6.30 -19.85
C LEU B 189 13.37 6.19 -20.80
N MSE B 190 14.12 7.26 -20.98
CA MSE B 190 15.29 7.18 -21.87
C MSE B 190 16.34 6.24 -21.30
O MSE B 190 17.04 5.59 -22.07
CB MSE B 190 15.92 8.53 -22.17
CG MSE B 190 16.94 8.38 -23.36
SE MSE B 190 18.15 9.91 -23.69
CE MSE B 190 19.02 9.87 -22.01
N VAL B 191 16.51 6.22 -19.98
CA VAL B 191 17.50 5.33 -19.39
C VAL B 191 17.09 3.88 -19.66
N LEU B 192 15.78 3.62 -19.72
CA LEU B 192 15.32 2.28 -20.02
C LEU B 192 15.61 1.89 -21.48
N GLN B 193 15.48 2.87 -22.39
CA GLN B 193 15.89 2.68 -23.79
C GLN B 193 17.35 2.27 -23.92
N GLU B 194 18.24 2.95 -23.18
CA GLU B 194 19.67 2.68 -23.27
C GLU B 194 19.99 1.34 -22.63
N LEU B 195 19.13 0.89 -21.73
CA LEU B 195 19.29 -0.44 -21.17
C LEU B 195 18.67 -1.50 -22.06
N GLY B 196 17.96 -1.11 -23.11
CA GLY B 196 17.26 -2.11 -23.95
C GLY B 196 15.95 -2.58 -23.32
N LEU B 197 15.40 -1.77 -22.41
CA LEU B 197 14.22 -2.14 -21.62
C LEU B 197 13.00 -1.33 -22.08
N LEU B 198 13.22 -0.57 -23.15
CA LEU B 198 12.18 0.17 -23.83
C LEU B 198 12.66 0.38 -25.28
N PRO B 199 11.76 0.51 -26.24
CA PRO B 199 12.33 0.74 -27.57
C PRO B 199 12.64 2.19 -27.83
N VAL B 200 13.56 2.43 -28.78
CA VAL B 200 13.91 3.76 -29.24
C VAL B 200 12.97 4.14 -30.36
N PHE B 201 12.20 5.21 -30.18
CA PHE B 201 11.20 5.67 -31.16
C PHE B 201 11.83 6.48 -32.29
N SER B 202 12.74 5.85 -33.02
CA SER B 202 13.68 6.48 -33.93
C SER B 202 13.12 6.97 -35.25
N LYS B 203 11.87 6.63 -35.56
CA LYS B 203 11.26 7.00 -36.83
C LYS B 203 9.86 7.67 -36.65
N PRO B 204 9.85 8.90 -36.13
CA PRO B 204 8.56 9.60 -36.05
C PRO B 204 8.03 9.98 -37.44
N THR B 205 6.70 10.09 -37.57
CA THR B 205 6.12 10.25 -38.89
C THR B 205 4.97 11.23 -38.91
N GLY B 206 4.91 12.10 -37.90
CA GLY B 206 3.91 13.14 -37.88
C GLY B 206 4.14 14.13 -39.01
N GLU B 207 3.09 14.87 -39.35
CA GLU B 207 3.15 15.93 -40.35
C GLU B 207 4.33 16.88 -40.19
N PHE B 208 4.79 17.08 -38.98
CA PHE B 208 5.83 18.04 -38.70
C PHE B 208 7.07 17.33 -38.15
N GLY B 209 7.18 16.05 -38.46
CA GLY B 209 8.26 15.25 -37.90
C GLY B 209 8.09 14.84 -36.46
N GLU B 210 6.92 15.03 -35.83
CA GLU B 210 6.81 14.55 -34.43
C GLU B 210 6.47 13.07 -34.37
N LEU B 211 6.66 12.50 -33.19
CA LEU B 211 6.24 11.15 -32.92
C LEU B 211 4.73 11.12 -32.68
N THR B 212 4.04 10.17 -33.30
CA THR B 212 2.61 10.03 -33.11
C THR B 212 2.31 8.84 -32.23
N VAL B 213 1.12 8.80 -31.69
CA VAL B 213 0.66 7.64 -30.91
C VAL B 213 0.81 6.36 -31.74
N ALA B 214 0.44 6.45 -33.02
CA ALA B 214 0.61 5.35 -33.96
C ALA B 214 2.07 4.88 -34.10
N ASP B 215 3.04 5.83 -34.13
CA ASP B 215 4.45 5.45 -34.15
C ASP B 215 4.75 4.65 -32.91
N ALA B 216 4.23 5.10 -31.78
CA ALA B 216 4.60 4.55 -30.48
C ALA B 216 3.98 3.17 -30.29
N GLU B 217 2.69 3.05 -30.59
CA GLU B 217 1.98 1.77 -30.47
C GLU B 217 2.60 0.70 -31.34
N MSE B 218 2.89 1.05 -32.59
CA MSE B 218 3.62 0.20 -33.53
C MSE B 218 4.89 -0.44 -32.94
O MSE B 218 5.09 -1.64 -33.04
CB MSE B 218 3.98 1.04 -34.76
CG MSE B 218 5.37 0.78 -35.37
SE MSE B 218 5.29 -0.34 -36.94
CE MSE B 218 4.53 -1.99 -36.18
N LEU B 219 5.73 0.39 -32.34
CA LEU B 219 6.99 -0.08 -31.79
C LEU B 219 6.78 -0.90 -30.52
N LEU B 220 5.90 -0.41 -29.66
CA LEU B 220 5.64 -1.07 -28.40
C LEU B 220 4.97 -2.43 -28.54
N GLN B 221 4.35 -2.69 -29.69
CA GLN B 221 3.78 -3.99 -29.98
C GLN B 221 4.89 -4.96 -30.34
N GLU B 222 5.92 -4.50 -31.05
CA GLU B 222 7.11 -5.33 -31.38
C GLU B 222 8.18 -5.50 -30.26
N PHE B 223 8.22 -4.57 -29.31
CA PHE B 223 9.16 -4.62 -28.23
C PHE B 223 8.85 -5.73 -27.23
N LYS B 224 9.89 -6.49 -26.87
CA LYS B 224 9.76 -7.52 -25.86
C LYS B 224 10.78 -7.26 -24.77
N LEU B 225 10.33 -7.31 -23.52
CA LEU B 225 11.25 -7.30 -22.39
C LEU B 225 12.06 -8.59 -22.38
N PRO B 226 13.26 -8.59 -21.77
CA PRO B 226 14.07 -9.81 -21.57
C PRO B 226 13.26 -10.94 -20.92
N PRO B 227 13.56 -12.20 -21.30
CA PRO B 227 12.77 -13.35 -20.81
C PRO B 227 12.59 -13.37 -19.29
N ILE B 228 13.62 -12.98 -18.55
CA ILE B 228 13.58 -12.99 -17.08
C ILE B 228 12.39 -12.20 -16.49
N TYR B 229 11.88 -11.24 -17.27
CA TYR B 229 10.79 -10.36 -16.83
C TYR B 229 9.45 -11.06 -16.57
N ASP B 230 9.30 -12.28 -17.10
CA ASP B 230 8.04 -13.00 -16.97
C ASP B 230 7.88 -13.76 -15.62
N SER B 231 8.99 -13.94 -14.93
CA SER B 231 9.00 -14.42 -13.55
C SER B 231 8.73 -13.29 -12.53
N LEU B 232 8.63 -12.05 -13.00
CA LEU B 232 8.53 -10.90 -12.10
C LEU B 232 7.11 -10.45 -11.83
N HIS B 233 6.13 -11.14 -12.39
CA HIS B 233 4.73 -10.68 -12.32
C HIS B 233 4.00 -11.08 -11.06
N ASP B 234 4.49 -12.14 -10.43
CA ASP B 234 3.87 -12.68 -9.21
C ASP B 234 4.87 -12.76 -8.06
N ASP B 235 5.98 -12.05 -8.20
CA ASP B 235 7.01 -12.01 -7.18
C ASP B 235 7.53 -10.57 -6.99
N ASP B 236 6.97 -9.88 -6.00
CA ASP B 236 7.37 -8.51 -5.67
C ASP B 236 8.79 -8.35 -5.16
N GLU B 237 9.39 -9.41 -4.65
CA GLU B 237 10.80 -9.36 -4.28
C GLU B 237 11.70 -9.39 -5.54
N LYS B 238 11.30 -10.15 -6.54
CA LYS B 238 12.06 -10.24 -7.78
C LYS B 238 11.92 -8.98 -8.65
N LEU B 239 10.68 -8.52 -8.78
CA LEU B 239 10.35 -7.32 -9.52
C LEU B 239 11.02 -6.11 -8.89
N GLY B 240 10.85 -5.96 -7.58
CA GLY B 240 11.52 -4.92 -6.83
C GLY B 240 13.02 -4.89 -7.09
N GLU B 241 13.62 -6.05 -7.27
CA GLU B 241 15.05 -6.14 -7.63
C GLU B 241 15.28 -5.54 -9.02
N ALA B 242 14.43 -5.91 -9.97
CA ALA B 242 14.56 -5.37 -11.32
C ALA B 242 14.35 -3.85 -11.33
N VAL B 243 13.34 -3.39 -10.64
CA VAL B 243 13.06 -1.96 -10.57
C VAL B 243 14.23 -1.22 -9.92
N PHE B 244 14.74 -1.83 -8.84
CA PHE B 244 15.83 -1.28 -8.07
C PHE B 244 17.09 -1.18 -8.97
N PHE B 245 17.31 -2.21 -9.78
CA PHE B 245 18.37 -2.19 -10.75
C PHE B 245 18.24 -0.95 -11.64
N CYS B 246 17.08 -0.76 -12.24
CA CYS B 246 16.86 0.38 -13.14
C CYS B 246 17.00 1.72 -12.43
N LEU B 247 16.53 1.81 -11.20
CA LEU B 247 16.75 3.02 -10.40
C LEU B 247 18.23 3.27 -10.22
N GLN B 248 19.00 2.23 -9.90
CA GLN B 248 20.44 2.43 -9.84
C GLN B 248 21.01 2.96 -11.15
N ARG B 249 20.67 2.31 -12.26
CA ARG B 249 21.13 2.77 -13.55
C ARG B 249 20.63 4.20 -13.89
N PHE B 250 19.45 4.55 -13.41
CA PHE B 250 18.87 5.83 -13.67
C PHE B 250 19.67 6.90 -12.86
N ALA B 251 19.84 6.63 -11.58
CA ALA B 251 20.62 7.49 -10.71
C ALA B 251 22.01 7.72 -11.31
N GLU B 252 22.63 6.63 -11.74
CA GLU B 252 23.96 6.62 -12.33
C GLU B 252 24.05 7.44 -13.61
N TYR B 253 23.21 7.09 -14.59
CA TYR B 253 23.16 7.74 -15.88
C TYR B 253 23.19 9.27 -15.84
N TYR B 254 22.19 9.86 -15.17
CA TYR B 254 22.05 11.31 -15.10
C TYR B 254 23.02 11.95 -14.12
N ALA B 255 23.77 11.13 -13.39
CA ALA B 255 24.92 11.66 -12.64
C ALA B 255 26.11 11.89 -13.57
N LYS B 256 26.20 11.11 -14.65
CA LYS B 256 27.37 11.17 -15.57
C LYS B 256 27.06 11.61 -17.02
N TYR B 257 25.80 11.86 -17.33
CA TYR B 257 25.37 12.15 -18.70
C TYR B 257 25.81 13.52 -19.23
N ASP B 258 26.48 13.55 -20.39
CA ASP B 258 26.94 14.84 -20.96
C ASP B 258 25.83 15.62 -21.66
N PHE B 259 25.25 16.57 -20.94
CA PHE B 259 24.20 17.40 -21.50
C PHE B 259 24.84 18.52 -22.30
N SER B 260 26.14 18.75 -22.12
CA SER B 260 26.78 19.83 -22.86
C SER B 260 26.83 19.48 -24.35
N ALA B 261 26.64 18.20 -24.64
CA ALA B 261 26.62 17.77 -26.02
C ALA B 261 25.24 17.22 -26.33
N GLY B 262 24.78 16.26 -25.54
CA GLY B 262 23.61 15.49 -25.88
C GLY B 262 22.32 15.98 -25.27
N THR B 263 21.22 15.43 -25.76
CA THR B 263 19.91 15.83 -25.31
C THR B 263 19.23 14.58 -24.80
N VAL B 264 18.11 14.75 -24.13
CA VAL B 264 17.31 13.62 -23.74
C VAL B 264 16.18 13.53 -24.75
N SER B 265 16.02 12.36 -25.31
CA SER B 265 15.07 12.22 -26.37
C SER B 265 14.65 10.79 -26.34
N LEU B 266 13.36 10.53 -26.48
CA LEU B 266 12.92 9.14 -26.68
C LEU B 266 12.99 8.76 -28.15
N ILE B 267 13.17 9.73 -29.02
CA ILE B 267 13.20 9.50 -30.46
C ILE B 267 14.64 9.23 -30.90
N HIS B 268 15.56 10.02 -30.40
CA HIS B 268 16.97 9.84 -30.76
C HIS B 268 17.83 10.07 -29.52
N PRO B 269 17.94 9.07 -28.64
CA PRO B 269 18.69 9.22 -27.40
C PRO B 269 20.10 9.75 -27.68
N ARG B 270 20.49 10.74 -26.89
CA ARG B 270 21.83 11.29 -26.87
C ARG B 270 22.10 12.18 -28.08
N ARG B 271 21.04 12.49 -28.82
CA ARG B 271 21.20 13.32 -30.01
C ARG B 271 21.82 14.64 -29.62
N HIS B 272 22.79 15.08 -30.41
CA HIS B 272 23.54 16.25 -30.08
C HIS B 272 22.68 17.49 -30.01
N ARG B 273 23.04 18.46 -29.17
CA ARG B 273 22.25 19.67 -29.08
C ARG B 273 22.07 20.37 -30.42
N THR B 274 23.14 20.46 -31.19
CA THR B 274 23.11 21.21 -32.44
C THR B 274 22.36 20.42 -33.52
N VAL B 275 22.27 19.11 -33.38
CA VAL B 275 21.43 18.39 -34.29
C VAL B 275 19.96 18.63 -33.91
N TYR B 276 19.67 18.62 -32.60
CA TYR B 276 18.34 18.93 -32.10
C TYR B 276 17.92 20.28 -32.66
N GLU B 277 18.85 21.23 -32.62
CA GLU B 277 18.67 22.59 -33.15
C GLU B 277 18.21 22.60 -34.61
N ARG B 278 18.83 21.78 -35.44
CA ARG B 278 18.45 21.68 -36.84
C ARG B 278 17.10 20.99 -36.98
N VAL B 279 16.83 20.02 -36.12
CA VAL B 279 15.56 19.30 -36.09
C VAL B 279 14.42 20.26 -35.70
N VAL B 280 14.67 21.11 -34.70
CA VAL B 280 13.73 22.15 -34.31
C VAL B 280 13.48 23.11 -35.47
N ARG B 281 14.56 23.56 -36.12
CA ARG B 281 14.45 24.49 -37.26
C ARG B 281 13.59 23.92 -38.37
N ARG B 282 13.77 22.65 -38.68
CA ARG B 282 12.92 22.01 -39.67
C ARG B 282 11.47 21.92 -39.19
N HIS B 283 11.29 21.55 -37.92
CA HIS B 283 9.98 21.40 -37.37
C HIS B 283 9.23 22.74 -37.46
N LEU B 284 9.85 23.81 -36.95
CA LEU B 284 9.22 25.12 -36.95
C LEU B 284 9.03 25.69 -38.35
N GLU B 285 9.85 25.26 -39.30
CA GLU B 285 9.62 25.69 -40.68
C GLU B 285 8.32 25.08 -41.13
N LEU B 286 8.11 23.82 -40.78
CA LEU B 286 6.85 23.17 -41.11
C LEU B 286 5.67 23.74 -40.30
N LEU B 287 5.89 24.02 -39.03
CA LEU B 287 4.85 24.53 -38.19
C LEU B 287 4.52 25.94 -38.67
N GLY B 288 5.55 26.73 -38.94
CA GLY B 288 5.37 28.10 -39.37
C GLY B 288 4.53 28.26 -40.64
N SER B 289 4.72 27.38 -41.61
CA SER B 289 4.03 27.58 -42.86
C SER B 289 2.58 27.12 -42.75
N ARG B 290 2.35 25.97 -42.10
CA ARG B 290 1.01 25.56 -41.75
C ARG B 290 0.25 26.65 -41.04
N LYS B 291 0.86 27.23 -40.01
CA LYS B 291 0.33 28.33 -39.21
C LYS B 291 -0.10 29.52 -40.05
N ARG B 292 0.83 29.97 -40.89
CA ARG B 292 0.56 31.03 -41.85
C ARG B 292 -0.63 30.69 -42.74
N LEU B 293 -0.70 29.47 -43.22
CA LEU B 293 -1.82 29.12 -44.08
C LEU B 293 -3.15 29.27 -43.28
N GLU B 294 -3.14 28.86 -42.01
CA GLU B 294 -4.38 28.86 -41.20
C GLU B 294 -4.81 30.27 -40.79
N TRP B 295 -3.87 31.11 -40.40
CA TRP B 295 -4.14 32.52 -40.14
C TRP B 295 -4.73 33.19 -41.36
N GLU B 296 -4.18 32.85 -42.52
CA GLU B 296 -4.66 33.47 -43.74
C GLU B 296 -6.10 33.03 -44.05
N LYS B 297 -6.45 31.79 -43.75
CA LYS B 297 -7.83 31.31 -43.95
C LYS B 297 -8.83 31.93 -42.97
N HIS B 298 -8.42 32.06 -41.71
CA HIS B 298 -9.26 32.70 -40.73
C HIS B 298 -9.52 34.13 -41.15
N ILE B 299 -8.46 34.81 -41.61
CA ILE B 299 -8.55 36.19 -42.05
C ILE B 299 -9.46 36.37 -43.28
N ALA B 300 -9.36 35.48 -44.26
CA ALA B 300 -10.28 35.52 -45.42
C ALA B 300 -11.76 35.42 -45.02
N GLU B 301 -12.02 34.74 -43.89
CA GLU B 301 -13.36 34.55 -43.38
C GLU B 301 -13.75 35.60 -42.36
N HIS B 302 -12.77 36.29 -41.78
CA HIS B 302 -13.04 37.37 -40.85
C HIS B 302 -12.17 38.56 -41.22
N LYS B 303 -12.48 39.19 -42.34
CA LYS B 303 -11.65 40.29 -42.86
C LYS B 303 -11.29 41.38 -41.84
N GLU B 304 -12.21 41.71 -40.94
CA GLU B 304 -11.95 42.75 -39.93
C GLU B 304 -10.88 42.32 -38.92
N ASP B 305 -10.58 41.01 -38.88
CA ASP B 305 -9.45 40.46 -38.11
C ASP B 305 -8.10 40.55 -38.85
N GLY B 306 -8.12 41.03 -40.09
CA GLY B 306 -6.92 41.18 -40.88
C GLY B 306 -6.45 42.62 -41.00
N PRO B 307 -5.47 42.89 -41.87
CA PRO B 307 -4.78 41.86 -42.67
C PRO B 307 -3.80 41.03 -41.80
N LEU B 308 -3.18 40.02 -42.37
CA LEU B 308 -2.19 39.24 -41.61
C LEU B 308 -1.09 40.18 -41.11
N ASP B 309 -1.02 40.28 -39.79
CA ASP B 309 -0.10 41.20 -39.14
C ASP B 309 1.20 40.42 -38.91
N GLU B 310 2.22 40.75 -39.68
CA GLU B 310 3.51 40.07 -39.63
C GLU B 310 4.25 40.19 -38.28
N ASN B 311 3.97 41.26 -37.53
CA ASN B 311 4.52 41.37 -36.17
C ASN B 311 3.93 40.28 -35.30
N ASP B 312 2.62 40.11 -35.45
CA ASP B 312 1.89 39.14 -34.66
C ASP B 312 2.37 37.74 -35.01
N PHE B 313 2.52 37.49 -36.30
CA PHE B 313 2.96 36.20 -36.75
C PHE B 313 4.37 35.95 -36.24
N SER B 314 5.23 36.94 -36.45
CA SER B 314 6.63 36.87 -36.00
C SER B 314 6.74 36.53 -34.50
N ALA B 315 5.93 37.18 -33.66
CA ALA B 315 5.94 36.98 -32.22
C ALA B 315 5.41 35.58 -31.83
N SER B 316 4.44 35.09 -32.58
CA SER B 316 3.92 33.77 -32.41
C SER B 316 4.99 32.74 -32.69
N MSE B 317 5.64 32.88 -33.83
CA MSE B 317 6.75 32.03 -34.22
C MSE B 317 7.86 32.14 -33.20
O MSE B 317 8.44 31.14 -32.82
CB MSE B 317 7.25 32.41 -35.60
CG MSE B 317 6.86 31.50 -36.74
SE MSE B 317 5.64 30.06 -36.27
CE MSE B 317 4.05 31.12 -36.55
N GLN B 318 8.16 33.36 -32.76
CA GLN B 318 9.10 33.55 -31.67
C GLN B 318 8.73 32.72 -30.42
N ASN B 319 7.45 32.66 -30.04
CA ASN B 319 7.09 31.82 -28.89
C ASN B 319 7.37 30.33 -29.17
N GLU B 320 7.16 29.88 -30.40
CA GLU B 320 7.48 28.50 -30.74
C GLU B 320 8.99 28.22 -30.62
N THR B 321 9.81 29.17 -31.07
CA THR B 321 11.26 29.09 -30.98
C THR B 321 11.73 29.08 -29.53
N THR B 322 11.05 29.89 -28.73
CA THR B 322 11.34 30.02 -27.30
C THR B 322 10.93 28.78 -26.50
N GLN B 323 10.03 27.98 -27.03
CA GLN B 323 9.75 26.70 -26.38
C GLN B 323 10.80 25.63 -26.68
N ARG B 324 11.78 25.95 -27.53
CA ARG B 324 12.66 24.93 -28.06
C ARG B 324 14.14 25.31 -28.15
N PRO B 325 14.73 25.89 -27.09
CA PRO B 325 16.13 26.20 -27.16
C PRO B 325 16.97 24.94 -27.05
N SER B 326 18.07 24.91 -27.79
CA SER B 326 18.96 23.76 -27.86
C SER B 326 20.15 24.09 -27.00
N ASN B 327 20.19 25.38 -26.64
CA ASN B 327 21.31 25.95 -25.93
C ASN B 327 20.99 26.24 -24.47
N SER B 328 20.31 25.31 -23.80
CA SER B 328 19.83 25.55 -22.43
C SER B 328 20.35 24.49 -21.49
N PRO B 329 20.39 24.77 -20.16
CA PRO B 329 21.02 23.82 -19.23
C PRO B 329 20.68 22.36 -19.53
N TYR B 330 19.39 22.09 -19.72
CA TYR B 330 18.91 20.77 -20.15
C TYR B 330 18.09 20.85 -21.42
N VAL B 331 18.22 19.81 -22.24
CA VAL B 331 17.41 19.64 -23.39
C VAL B 331 16.74 18.29 -23.27
N VAL B 332 15.50 18.34 -22.77
CA VAL B 332 14.65 17.20 -22.72
C VAL B 332 13.51 17.39 -23.72
N GLU B 333 13.55 16.58 -24.75
CA GLU B 333 12.68 16.73 -25.90
C GLU B 333 11.31 16.10 -25.68
N ASP B 334 10.24 16.89 -25.75
CA ASP B 334 8.89 16.33 -25.87
C ASP B 334 8.78 15.69 -27.24
N PHE B 335 8.45 14.42 -27.30
CA PHE B 335 8.46 13.65 -28.55
C PHE B 335 7.33 14.02 -29.52
N VAL B 336 6.34 14.80 -29.08
CA VAL B 336 5.19 15.08 -29.93
C VAL B 336 5.25 16.45 -30.57
N ASN B 337 6.24 17.25 -30.24
CA ASN B 337 6.28 18.65 -30.73
C ASN B 337 7.66 19.28 -30.65
N TYR B 338 8.65 18.47 -30.28
CA TYR B 338 10.03 18.91 -30.08
C TYR B 338 10.24 20.06 -29.12
N VAL B 339 9.20 20.37 -28.35
CA VAL B 339 9.34 21.27 -27.23
C VAL B 339 10.44 20.73 -26.32
N ASN B 340 11.24 21.65 -25.81
CA ASN B 340 12.22 21.36 -24.83
C ASN B 340 11.56 21.55 -23.50
N CYS B 341 10.85 20.52 -23.06
CA CYS B 341 10.10 20.53 -21.81
C CYS B 341 10.97 20.78 -20.59
N GLY B 342 12.30 20.72 -20.76
CA GLY B 342 13.22 20.99 -19.66
C GLY B 342 13.88 22.36 -19.77
N ARG B 343 13.35 23.21 -20.65
CA ARG B 343 13.99 24.49 -20.92
C ARG B 343 13.88 25.46 -19.75
N ARG B 344 12.95 25.18 -18.86
CA ARG B 344 12.65 26.14 -17.80
C ARG B 344 13.66 26.08 -16.67
N VAL B 345 14.44 25.00 -16.60
CA VAL B 345 15.45 24.86 -15.55
C VAL B 345 16.57 25.83 -15.82
N GLN B 346 16.70 26.81 -14.93
CA GLN B 346 17.71 27.84 -15.11
C GLN B 346 19.10 27.32 -14.78
N ALA B 347 20.11 27.92 -15.41
CA ALA B 347 21.51 27.51 -15.28
C ALA B 347 21.94 27.32 -13.83
N SER B 348 21.42 28.16 -12.95
CA SER B 348 21.74 28.11 -11.53
C SER B 348 21.19 26.86 -10.81
N ARG B 349 20.11 26.27 -11.34
CA ARG B 349 19.55 25.03 -10.78
C ARG B 349 20.31 23.78 -11.20
N VAL B 350 21.04 23.88 -12.30
CA VAL B 350 21.81 22.77 -12.87
C VAL B 350 22.64 22.10 -11.78
N ARG B 351 22.94 22.85 -10.72
CA ARG B 351 23.69 22.35 -9.56
C ARG B 351 22.85 21.41 -8.68
N HIS B 352 21.70 21.89 -8.23
CA HIS B 352 20.89 21.12 -7.31
C HIS B 352 20.64 19.74 -7.88
N ILE B 353 19.72 19.65 -8.84
CA ILE B 353 19.45 18.43 -9.61
C ILE B 353 20.67 17.55 -9.74
N GLN B 354 21.77 18.14 -10.21
CA GLN B 354 22.91 17.39 -10.71
C GLN B 354 23.77 16.86 -9.60
N GLN B 355 23.47 17.31 -8.39
CA GLN B 355 24.06 16.82 -7.18
C GLN B 355 23.13 15.71 -6.70
N GLU B 356 21.84 16.02 -6.55
CA GLU B 356 20.86 15.05 -6.06
C GLU B 356 20.73 13.79 -6.92
N PHE B 357 21.37 13.82 -8.09
CA PHE B 357 21.52 12.62 -8.88
C PHE B 357 22.77 11.87 -8.44
N ASN B 358 23.87 12.62 -8.25
CA ASN B 358 25.12 12.11 -7.67
C ASN B 358 24.84 11.46 -6.33
N ARG B 359 23.76 11.94 -5.69
CA ARG B 359 23.34 11.53 -4.35
C ARG B 359 22.38 10.35 -4.35
N LEU B 360 21.48 10.29 -5.33
CA LEU B 360 20.65 9.11 -5.49
C LEU B 360 21.51 7.88 -5.78
N ARG B 361 22.53 8.03 -6.60
CA ARG B 361 23.34 6.89 -6.99
C ARG B 361 24.31 6.45 -5.93
N GLU B 362 24.55 7.33 -4.96
CA GLU B 362 25.48 7.04 -3.89
C GLU B 362 24.78 6.19 -2.87
N MSE B 363 23.49 6.43 -2.69
CA MSE B 363 22.70 5.71 -1.73
C MSE B 363 22.29 4.35 -2.27
O MSE B 363 22.25 3.37 -1.52
CB MSE B 363 21.49 6.52 -1.32
CG MSE B 363 21.84 7.93 -0.87
SE MSE B 363 20.35 8.76 0.02
CE MSE B 363 20.57 7.88 1.75
N LEU B 364 22.01 4.30 -3.56
CA LEU B 364 21.50 3.11 -4.22
C LEU B 364 22.60 2.13 -4.60
N ILE B 365 23.82 2.64 -4.76
CA ILE B 365 24.92 1.82 -5.30
C ILE B 365 26.03 1.63 -4.26
N ASP B 366 26.77 2.70 -4.00
CA ASP B 366 27.84 2.68 -3.01
C ASP B 366 27.36 2.23 -1.63
N LYS B 367 26.47 3.03 -1.04
CA LYS B 367 25.91 2.75 0.29
C LYS B 367 24.68 1.82 0.24
N GLU B 368 24.68 0.88 -0.70
CA GLU B 368 23.56 -0.06 -0.90
C GLU B 368 23.22 -0.82 0.39
N SER B 369 24.25 -1.29 1.08
CA SER B 369 24.10 -2.07 2.32
C SER B 369 23.51 -1.24 3.46
N GLU B 370 23.43 0.08 3.23
CA GLU B 370 23.05 1.05 4.24
C GLU B 370 21.67 1.64 3.94
N LEU B 371 20.89 0.97 3.10
CA LEU B 371 19.66 1.55 2.55
C LEU B 371 18.43 1.62 3.47
N LYS B 372 17.83 2.82 3.52
CA LYS B 372 16.57 3.04 4.23
C LYS B 372 15.58 3.78 3.32
N PHE B 373 14.41 3.20 3.14
CA PHE B 373 13.38 3.80 2.30
C PHE B 373 13.04 5.24 2.68
N ASP B 374 12.78 5.45 3.97
CA ASP B 374 12.38 6.76 4.48
C ASP B 374 13.54 7.76 4.64
N GLU B 375 14.69 7.53 3.99
CA GLU B 375 15.80 8.48 4.03
C GLU B 375 16.20 8.92 2.61
N VAL B 376 15.90 8.07 1.63
CA VAL B 376 16.17 8.37 0.23
C VAL B 376 15.01 9.22 -0.30
N PHE B 377 13.80 8.89 0.16
CA PHE B 377 12.56 9.50 -0.29
C PHE B 377 11.94 10.48 0.71
N ARG B 378 12.63 11.56 1.09
CA ARG B 378 11.92 12.57 1.93
C ARG B 378 12.32 14.03 1.73
N GLU B 379 11.35 14.92 1.98
CA GLU B 379 11.46 16.37 1.75
C GLU B 379 12.87 16.96 1.83
N SER B 380 13.19 17.88 0.92
CA SER B 380 14.54 18.44 0.81
C SER B 380 14.58 19.95 0.52
N ASP B 381 14.24 20.77 1.53
CA ASP B 381 14.19 22.24 1.35
C ASP B 381 15.54 22.90 1.04
N THR B 382 15.80 23.14 -0.25
CA THR B 382 17.15 23.46 -0.76
C THR B 382 17.17 24.56 -1.84
N VAL B 383 16.12 24.59 -2.67
CA VAL B 383 15.98 25.48 -3.83
C VAL B 383 14.76 26.41 -3.68
PA UTP C . 0.86 -13.82 18.23
O1A UTP C . 1.91 -13.94 17.11
O2A UTP C . 1.27 -13.01 19.42
O3A UTP C . -0.53 -13.20 17.67
O5' UTP C . 0.42 -15.28 18.75
PB UTP C . -1.03 -13.31 16.14
O1B UTP C . -0.21 -14.31 15.37
O2B UTP C . -2.51 -13.43 16.18
O3B UTP C . -0.80 -11.82 15.53
PG UTP C . 0.52 -11.08 15.00
O1G UTP C . 0.54 -9.83 15.84
O2G UTP C . 0.23 -10.91 13.55
O3G UTP C . 1.67 -12.01 15.28
C5' UTP C . 0.20 -16.36 17.83
C4' UTP C . -1.05 -17.18 18.16
O4' UTP C . -0.98 -17.89 19.41
C1' UTP C . -2.29 -18.11 19.93
C2' UTP C . -3.18 -17.54 18.85
O2' UTP C . -3.31 -18.55 17.85
C3' UTP C . -2.34 -16.40 18.27
O3' UTP C . -2.89 -16.02 17.02
N1 UTP C . -2.49 -17.37 21.20
C6 UTP C . -1.69 -16.34 21.53
C2 UTP C . -3.47 -17.77 22.03
O2 UTP C . -4.21 -18.72 21.74
N3 UTP C . -3.69 -17.14 23.20
C4 UTP C . -2.91 -16.10 23.56
O4 UTP C . -3.14 -15.47 24.72
C5 UTP C . -1.88 -15.66 22.73
MG MG D . 2.01 -14.16 14.86
PA UTP E . 1.55 17.25 -14.92
O1A UTP E . 0.42 17.15 -13.90
O2A UTP E . 2.41 18.46 -14.92
O3A UTP E . 2.49 15.94 -14.96
O5' UTP E . 0.77 17.10 -16.32
PB UTP E . 1.84 14.47 -15.05
O1B UTP E . 0.35 14.54 -15.21
O2B UTP E . 2.58 13.65 -16.05
O3B UTP E . 2.21 13.80 -13.62
PG UTP E . 1.53 14.02 -12.17
O1G UTP E . 2.65 14.65 -11.39
O2G UTP E . 1.13 12.64 -11.74
O3G UTP E . 0.32 14.89 -12.39
C5' UTP E . 1.12 17.83 -17.45
C4' UTP E . 0.92 16.97 -18.68
O4' UTP E . 0.92 17.88 -19.80
C1' UTP E . 1.99 17.62 -20.68
C2' UTP E . 2.18 16.14 -20.45
O2' UTP E . 1.04 15.46 -21.00
C3' UTP E . 2.07 16.02 -18.96
O3' UTP E . 1.76 14.67 -18.65
N1 UTP E . 3.21 18.40 -20.36
C6 UTP E . 3.49 18.90 -19.13
C2 UTP E . 4.05 18.62 -21.36
O2 UTP E . 3.78 18.15 -22.46
N3 UTP E . 5.21 19.31 -21.19
C4 UTP E . 5.51 19.83 -19.99
O4 UTP E . 6.67 20.51 -19.84
C5 UTP E . 4.66 19.63 -18.92
MG MG F . -0.98 15.61 -13.87
#